data_9IXT
#
_entry.id   9IXT
#
_cell.length_a   46.180
_cell.length_b   102.610
_cell.length_c   148.710
_cell.angle_alpha   90.000
_cell.angle_beta   90.000
_cell.angle_gamma   90.000
#
_symmetry.space_group_name_H-M   'P 21 21 21'
#
loop_
_entity.id
_entity.type
_entity.pdbx_description
1 polymer 'Transcriptional enhancer factor TEF-5'
2 non-polymer ~{N}-[(1~{S})-4-azanyl-4-oxidanylidene-1-phenyl-butyl]-5-[4-(trifluoromethyl)phenyl]-3,4-dihydro-1~{H}-isoquinoline-2-carboxamide
3 water water
#
_entity_poly.entity_id   1
_entity_poly.type   'polypeptide(L)'
_entity_poly.pdbx_seq_one_letter_code
;GSQDRTIASSRLRLLEYSAFMEVQRDPDTYSKHLFVHIGQTNPAFSDPPLEAVDVRQIYDKFPEKKGGLKELYEKGPPNA
FFLVKFWADLNSTIQEGPGAFYGVSSQYSSADSMTISVSTKVCSFGKQVVEKVETEYARLENGRFVYRIHRSPMCEYMIN
FIHKLKHLPEKYMMNSVLENFTILQVVTSRDSQETLLVIAFVFEVSTSEHGAQHHVYKLVKD
;
_entity_poly.pdbx_strand_id   A,B,C
#
loop_
_chem_comp.id
_chem_comp.type
_chem_comp.name
_chem_comp.formula
A1L3M non-polymer ~{N}-[(1~{S})-4-azanyl-4-oxidanylidene-1-phenyl-butyl]-5-[4-(trifluoromethyl)phenyl]-3,4-dihydro-1~{H}-isoquinoline-2-carboxamide 'C27 H26 F3 N3 O2'
#
# COMPACT_ATOMS: atom_id res chain seq x y z
N GLN A 3 -23.62 -20.80 -36.34
CA GLN A 3 -22.18 -20.75 -36.17
C GLN A 3 -21.76 -20.84 -34.70
N ASP A 4 -20.94 -19.88 -34.24
CA ASP A 4 -20.53 -19.86 -32.85
C ASP A 4 -21.68 -19.43 -31.95
N ARG A 5 -21.78 -20.10 -30.80
CA ARG A 5 -22.66 -19.70 -29.72
C ARG A 5 -22.12 -18.47 -29.01
N THR A 6 -21.04 -17.88 -29.50
CA THR A 6 -20.41 -16.79 -28.79
C THR A 6 -21.25 -15.51 -28.87
N ILE A 7 -21.17 -14.72 -27.81
CA ILE A 7 -21.71 -13.37 -27.81
C ILE A 7 -20.67 -12.50 -28.46
N ALA A 8 -20.73 -12.40 -29.78
CA ALA A 8 -19.74 -11.71 -30.58
C ALA A 8 -20.36 -11.25 -31.88
N SER A 9 -20.10 -10.00 -32.26
CA SER A 9 -20.28 -9.55 -33.64
C SER A 9 -19.01 -9.93 -34.41
N SER A 10 -18.82 -9.30 -35.56
CA SER A 10 -17.55 -9.45 -36.27
C SER A 10 -16.47 -8.55 -35.69
N ARG A 11 -16.86 -7.54 -34.90
CA ARG A 11 -15.88 -6.58 -34.41
C ARG A 11 -15.53 -6.78 -32.95
N LEU A 12 -16.41 -7.43 -32.17
CA LEU A 12 -16.21 -7.47 -30.73
C LEU A 12 -16.95 -8.64 -30.11
N ARG A 13 -16.26 -9.30 -29.20
CA ARG A 13 -16.75 -10.48 -28.49
C ARG A 13 -16.75 -10.20 -27.00
N LEU A 14 -17.83 -10.59 -26.33
CA LEU A 14 -17.90 -10.55 -24.89
C LEU A 14 -17.25 -11.83 -24.37
N LEU A 15 -16.08 -11.72 -23.77
CA LEU A 15 -15.46 -12.90 -23.16
C LEU A 15 -16.09 -13.26 -21.82
N GLU A 16 -16.32 -12.26 -20.96
CA GLU A 16 -16.79 -12.54 -19.60
C GLU A 16 -17.62 -11.39 -19.05
N TYR A 17 -18.58 -11.74 -18.21
CA TYR A 17 -19.41 -10.78 -17.49
C TYR A 17 -19.76 -11.39 -16.14
N SER A 18 -19.63 -10.59 -15.08
CA SER A 18 -20.02 -11.01 -13.74
C SER A 18 -20.50 -9.81 -12.93
N ALA A 19 -21.52 -10.06 -12.10
CA ALA A 19 -22.05 -9.08 -11.16
C ALA A 19 -22.05 -9.76 -9.81
N PHE A 20 -21.38 -9.12 -8.85
CA PHE A 20 -20.99 -9.78 -7.62
C PHE A 20 -21.07 -8.84 -6.43
N MET A 21 -21.02 -9.44 -5.24
CA MET A 21 -20.79 -8.79 -3.96
C MET A 21 -19.61 -9.47 -3.30
N GLU A 22 -18.76 -8.68 -2.66
CA GLU A 22 -17.55 -9.19 -2.04
C GLU A 22 -17.43 -8.60 -0.64
N VAL A 23 -17.21 -9.47 0.34
CA VAL A 23 -17.03 -9.03 1.71
C VAL A 23 -15.76 -9.66 2.27
N GLN A 24 -15.21 -9.01 3.29
CA GLN A 24 -14.03 -9.48 3.98
C GLN A 24 -14.47 -10.11 5.30
N ARG A 25 -14.32 -11.44 5.41
CA ARG A 25 -14.63 -12.15 6.65
C ARG A 25 -13.60 -11.86 7.76
N ASP A 26 -12.34 -11.73 7.39
CA ASP A 26 -11.23 -11.51 8.31
C ASP A 26 -10.08 -10.95 7.50
N PRO A 27 -9.02 -10.44 8.15
CA PRO A 27 -7.98 -9.79 7.35
C PRO A 27 -7.42 -10.66 6.22
N ASP A 28 -7.27 -11.97 6.44
CA ASP A 28 -6.73 -12.83 5.39
C ASP A 28 -7.77 -13.22 4.33
N THR A 29 -9.06 -13.26 4.70
CA THR A 29 -10.06 -13.99 3.94
C THR A 29 -11.12 -13.05 3.36
N TYR A 30 -11.48 -13.31 2.11
CA TYR A 30 -12.56 -12.62 1.41
C TYR A 30 -13.54 -13.64 0.87
N SER A 31 -14.83 -13.27 0.85
CA SER A 31 -15.86 -14.09 0.23
C SER A 31 -16.52 -13.31 -0.89
N LYS A 32 -16.72 -13.96 -2.03
CA LYS A 32 -17.22 -13.31 -3.23
C LYS A 32 -18.38 -14.12 -3.80
N HIS A 33 -19.51 -13.48 -3.96
CA HIS A 33 -20.72 -14.13 -4.44
C HIS A 33 -21.12 -13.49 -5.76
N LEU A 34 -21.31 -14.33 -6.79
CA LEU A 34 -21.70 -13.86 -8.11
C LEU A 34 -23.22 -13.98 -8.28
N PHE A 35 -23.89 -12.84 -8.48
CA PHE A 35 -25.31 -12.88 -8.84
C PHE A 35 -25.52 -13.45 -10.23
N VAL A 36 -24.72 -13.00 -11.19
CA VAL A 36 -24.75 -13.55 -12.54
C VAL A 36 -23.33 -13.75 -13.01
N HIS A 37 -23.16 -14.70 -13.92
CA HIS A 37 -21.85 -14.99 -14.44
C HIS A 37 -21.92 -15.59 -15.83
N ILE A 38 -21.16 -15.00 -16.74
CA ILE A 38 -20.86 -15.60 -18.02
C ILE A 38 -19.35 -15.76 -18.08
N GLY A 39 -18.88 -16.97 -18.19
CA GLY A 39 -17.47 -17.20 -18.30
C GLY A 39 -16.97 -17.44 -19.70
N GLN A 40 -15.68 -17.29 -19.90
CA GLN A 40 -15.14 -17.58 -21.19
C GLN A 40 -15.23 -19.04 -21.42
N THR A 41 -15.71 -19.40 -22.58
CA THR A 41 -15.88 -20.77 -22.93
C THR A 41 -15.40 -20.77 -24.35
N ASN A 42 -15.01 -21.92 -24.83
CA ASN A 42 -14.49 -22.00 -26.16
C ASN A 42 -15.49 -22.77 -26.93
N PRO A 43 -15.75 -22.32 -28.14
CA PRO A 43 -16.82 -22.94 -28.90
C PRO A 43 -16.57 -24.41 -29.20
N ALA A 44 -17.63 -25.19 -29.13
CA ALA A 44 -17.52 -26.59 -29.41
C ALA A 44 -18.22 -26.93 -30.71
N PHE A 45 -17.51 -27.63 -31.58
CA PHE A 45 -18.07 -28.04 -32.86
C PHE A 45 -19.46 -28.62 -32.72
N SER A 46 -19.64 -29.51 -31.75
CA SER A 46 -20.93 -30.18 -31.59
C SER A 46 -22.06 -29.20 -31.26
N ASP A 47 -21.75 -28.09 -30.56
CA ASP A 47 -22.78 -27.28 -29.91
C ASP A 47 -23.76 -26.71 -30.93
N PRO A 48 -25.03 -26.55 -30.57
CA PRO A 48 -26.04 -26.18 -31.57
C PRO A 48 -26.00 -24.70 -31.86
N PRO A 49 -26.55 -24.26 -33.00
CA PRO A 49 -26.60 -22.83 -33.29
C PRO A 49 -27.52 -22.12 -32.30
N LEU A 50 -27.29 -20.82 -32.14
CA LEU A 50 -28.10 -20.04 -31.21
C LEU A 50 -29.53 -19.90 -31.72
N GLU A 51 -30.48 -20.03 -30.81
CA GLU A 51 -31.86 -19.72 -31.16
C GLU A 51 -32.02 -18.22 -31.39
N ALA A 52 -33.07 -17.88 -32.12
CA ALA A 52 -33.36 -16.52 -32.51
C ALA A 52 -34.60 -16.04 -31.75
N VAL A 53 -34.61 -14.75 -31.42
CA VAL A 53 -35.78 -14.07 -30.85
C VAL A 53 -35.98 -12.80 -31.67
N ASP A 54 -37.23 -12.52 -32.04
CA ASP A 54 -37.53 -11.32 -32.81
C ASP A 54 -37.31 -10.07 -31.97
N VAL A 55 -36.47 -9.17 -32.48
CA VAL A 55 -36.21 -7.94 -31.73
C VAL A 55 -37.51 -7.20 -31.46
N ARG A 56 -38.49 -7.31 -32.36
CA ARG A 56 -39.71 -6.57 -32.17
C ARG A 56 -40.40 -6.96 -30.87
N GLN A 57 -40.20 -8.17 -30.39
CA GLN A 57 -40.88 -8.61 -29.18
C GLN A 57 -40.32 -8.00 -27.91
N ILE A 58 -39.07 -7.56 -27.91
CA ILE A 58 -38.43 -6.93 -26.75
C ILE A 58 -38.27 -5.39 -26.73
N TYR A 59 -38.80 -4.70 -27.71
CA TYR A 59 -38.65 -3.26 -27.82
C TYR A 59 -39.26 -2.56 -26.64
N ASP A 60 -40.40 -3.02 -26.17
CA ASP A 60 -41.10 -2.50 -25.01
C ASP A 60 -40.33 -2.64 -23.71
N LYS A 61 -39.62 -3.73 -23.56
CA LYS A 61 -38.82 -4.01 -22.38
C LYS A 61 -37.72 -3.00 -22.26
N PHE A 62 -37.37 -2.39 -23.36
CA PHE A 62 -36.27 -1.46 -23.35
C PHE A 62 -36.69 -0.10 -23.84
N PRO A 63 -35.95 0.92 -23.46
CA PRO A 63 -36.29 2.28 -23.85
C PRO A 63 -36.56 2.45 -25.33
N GLU A 64 -37.29 3.48 -25.69
CA GLU A 64 -37.67 3.69 -27.08
C GLU A 64 -37.40 5.13 -27.49
N LYS A 65 -37.56 5.37 -28.79
CA LYS A 65 -37.03 6.54 -29.49
C LYS A 65 -35.51 6.49 -29.50
N LYS A 66 -34.82 7.63 -29.58
CA LYS A 66 -33.38 7.61 -29.77
C LYS A 66 -32.69 6.96 -28.57
N GLY A 67 -31.61 6.23 -28.86
CA GLY A 67 -31.00 5.32 -27.92
C GLY A 67 -31.73 4.01 -27.78
N GLY A 68 -32.91 3.89 -28.38
CA GLY A 68 -33.72 2.71 -28.18
C GLY A 68 -33.28 1.52 -29.03
N LEU A 69 -33.83 0.37 -28.67
CA LEU A 69 -33.42 -0.87 -29.32
C LEU A 69 -33.77 -0.87 -30.81
N LYS A 70 -34.94 -0.32 -31.16
CA LYS A 70 -35.39 -0.32 -32.55
C LYS A 70 -34.50 0.55 -33.42
N GLU A 71 -34.14 1.74 -32.94
CA GLU A 71 -33.29 2.62 -33.74
C GLU A 71 -31.86 2.08 -33.82
N LEU A 72 -31.36 1.51 -32.73
CA LEU A 72 -30.04 0.89 -32.76
C LEU A 72 -30.00 -0.27 -33.74
N TYR A 73 -30.98 -1.17 -33.67
CA TYR A 73 -31.03 -2.27 -34.62
C TYR A 73 -31.06 -1.74 -36.05
N GLU A 74 -31.78 -0.65 -36.29
CA GLU A 74 -31.83 -0.07 -37.62
C GLU A 74 -30.47 0.35 -38.14
N LYS A 75 -29.68 1.03 -37.33
CA LYS A 75 -28.32 1.37 -37.74
C LYS A 75 -27.45 0.14 -37.92
N GLY A 76 -27.59 -0.84 -37.03
CA GLY A 76 -26.83 -2.06 -37.14
C GLY A 76 -25.45 -1.98 -36.57
N PRO A 77 -24.70 -3.06 -36.69
CA PRO A 77 -25.07 -4.23 -37.48
C PRO A 77 -25.94 -5.27 -36.77
N PRO A 78 -26.79 -5.98 -37.48
CA PRO A 78 -27.72 -6.99 -36.94
C PRO A 78 -26.95 -8.11 -36.30
N ASN A 79 -25.75 -8.37 -36.77
CA ASN A 79 -24.85 -9.39 -36.27
C ASN A 79 -24.53 -9.12 -34.83
N ALA A 80 -24.41 -7.87 -34.45
CA ALA A 80 -24.10 -7.48 -33.09
C ALA A 80 -25.18 -7.51 -32.01
N PHE A 81 -26.41 -7.91 -32.30
CA PHE A 81 -27.45 -7.85 -31.30
C PHE A 81 -27.76 -9.22 -30.68
N PHE A 82 -27.65 -9.29 -29.36
CA PHE A 82 -27.83 -10.54 -28.62
C PHE A 82 -28.73 -10.30 -27.43
N LEU A 83 -29.47 -11.33 -27.08
CA LEU A 83 -30.32 -11.31 -25.89
C LEU A 83 -29.82 -12.38 -24.94
N VAL A 84 -29.54 -11.99 -23.70
CA VAL A 84 -29.06 -12.92 -22.67
C VAL A 84 -30.07 -12.98 -21.54
N LYS A 85 -30.54 -14.17 -21.22
CA LYS A 85 -31.40 -14.39 -20.06
C LYS A 85 -30.57 -14.95 -18.91
N PHE A 86 -30.60 -14.28 -17.76
CA PHE A 86 -29.88 -14.71 -16.57
C PHE A 86 -30.86 -15.35 -15.60
N TRP A 87 -30.44 -16.48 -15.00
CA TRP A 87 -31.04 -17.02 -13.78
C TRP A 87 -30.12 -16.61 -12.62
N ALA A 88 -30.50 -15.55 -11.92
CA ALA A 88 -29.67 -14.94 -10.87
C ALA A 88 -29.67 -15.76 -9.57
N ASP A 89 -28.50 -15.86 -8.95
CA ASP A 89 -28.33 -16.54 -7.66
C ASP A 89 -28.47 -15.48 -6.58
N LEU A 90 -29.55 -15.53 -5.83
CA LEU A 90 -29.80 -14.63 -4.72
C LEU A 90 -29.49 -15.25 -3.37
N ASN A 91 -29.03 -16.50 -3.37
CA ASN A 91 -28.74 -17.23 -2.14
C ASN A 91 -27.31 -16.99 -1.71
N SER A 92 -27.10 -15.93 -0.97
CA SER A 92 -25.75 -15.52 -0.61
C SER A 92 -25.49 -15.87 0.84
N GLU A 96 -25.22 -10.29 6.23
CA GLU A 96 -25.59 -9.05 5.61
C GLU A 96 -24.71 -7.99 6.23
N GLY A 97 -23.95 -7.34 5.37
CA GLY A 97 -22.79 -6.62 5.78
C GLY A 97 -22.80 -5.18 5.33
N PRO A 98 -22.82 -4.28 6.30
CA PRO A 98 -22.35 -2.94 6.02
C PRO A 98 -20.94 -3.05 5.47
N GLY A 99 -20.67 -2.34 4.39
CA GLY A 99 -19.32 -2.35 3.86
C GLY A 99 -18.97 -3.45 2.90
N ALA A 100 -19.94 -4.27 2.47
CA ALA A 100 -19.67 -5.15 1.34
C ALA A 100 -19.53 -4.35 0.06
N PHE A 101 -18.69 -4.84 -0.86
CA PHE A 101 -18.53 -4.20 -2.17
C PHE A 101 -19.41 -4.87 -3.21
N TYR A 102 -20.10 -4.05 -4.00
CA TYR A 102 -20.98 -4.48 -5.09
C TYR A 102 -20.37 -4.00 -6.39
N GLY A 103 -20.06 -4.94 -7.28
CA GLY A 103 -19.33 -4.61 -8.49
C GLY A 103 -19.74 -5.45 -9.68
N VAL A 104 -19.40 -4.91 -10.84
CA VAL A 104 -19.63 -5.59 -12.09
C VAL A 104 -18.29 -5.66 -12.81
N SER A 105 -17.90 -6.84 -13.26
CA SER A 105 -16.65 -7.02 -14.02
C SER A 105 -16.88 -7.62 -15.42
N SER A 106 -16.27 -7.01 -16.43
CA SER A 106 -16.47 -7.46 -17.80
C SER A 106 -15.20 -7.54 -18.68
N GLN A 107 -15.17 -8.48 -19.62
CA GLN A 107 -14.07 -8.55 -20.55
C GLN A 107 -14.52 -8.72 -21.99
N TYR A 108 -13.79 -8.11 -22.91
CA TYR A 108 -14.11 -8.14 -24.31
C TYR A 108 -12.89 -8.39 -25.16
N SER A 109 -13.08 -8.92 -26.35
CA SER A 109 -11.97 -9.15 -27.27
C SER A 109 -12.22 -8.60 -28.66
N SER A 110 -11.17 -8.13 -29.29
CA SER A 110 -11.28 -7.68 -30.66
C SER A 110 -10.05 -7.92 -31.47
N ALA A 111 -10.22 -8.07 -32.77
CA ALA A 111 -9.09 -8.17 -33.66
C ALA A 111 -8.33 -6.87 -33.75
N ASP A 112 -9.03 -5.76 -33.75
CA ASP A 112 -8.41 -4.47 -33.93
C ASP A 112 -8.43 -3.57 -32.70
N SER A 113 -7.32 -2.93 -32.42
CA SER A 113 -7.27 -2.05 -31.27
C SER A 113 -8.19 -0.86 -31.42
N MET A 114 -8.95 -0.58 -30.37
CA MET A 114 -9.93 0.48 -30.42
C MET A 114 -10.15 1.10 -29.07
N THR A 115 -10.70 2.30 -29.04
CA THR A 115 -11.10 2.86 -27.80
C THR A 115 -12.60 2.65 -27.81
N ILE A 116 -13.10 1.89 -26.85
CA ILE A 116 -14.52 1.57 -26.81
C ILE A 116 -15.21 2.38 -25.73
N SER A 117 -16.47 2.74 -26.00
CA SER A 117 -17.38 3.32 -25.02
C SER A 117 -18.45 2.29 -24.72
N VAL A 118 -18.71 2.06 -23.43
CA VAL A 118 -19.65 1.04 -22.96
C VAL A 118 -20.76 1.73 -22.16
N SER A 119 -21.97 1.71 -22.70
CA SER A 119 -23.14 2.27 -22.04
C SER A 119 -23.95 1.13 -21.42
N THR A 120 -24.28 1.27 -20.14
CA THR A 120 -25.11 0.32 -19.43
C THR A 120 -26.33 1.06 -18.88
N LYS A 121 -27.51 0.68 -19.32
CA LYS A 121 -28.75 1.28 -18.87
C LYS A 121 -29.55 0.30 -18.04
N VAL A 122 -29.83 0.69 -16.81
CA VAL A 122 -30.74 -0.05 -15.94
C VAL A 122 -32.14 0.49 -16.17
N CYS A 123 -33.07 -0.42 -16.46
CA CYS A 123 -34.41 -0.09 -16.90
C CYS A 123 -35.45 -0.80 -16.05
N SER A 124 -36.54 -0.08 -15.79
CA SER A 124 -37.70 -0.59 -15.08
C SER A 124 -38.90 -0.29 -15.95
N PHE A 125 -39.68 -1.31 -16.27
CA PHE A 125 -40.87 -1.18 -17.11
C PHE A 125 -40.56 -0.52 -18.44
N GLY A 126 -39.41 -0.91 -19.01
CA GLY A 126 -38.93 -0.34 -20.25
C GLY A 126 -38.36 1.05 -20.17
N LYS A 127 -38.28 1.66 -18.98
CA LYS A 127 -37.78 3.02 -18.84
C LYS A 127 -36.49 3.05 -18.02
N GLN A 128 -35.64 4.00 -18.35
CA GLN A 128 -34.28 4.01 -17.84
C GLN A 128 -34.28 4.66 -16.46
N VAL A 129 -33.86 3.91 -15.45
CA VAL A 129 -33.60 4.52 -14.16
C VAL A 129 -32.26 5.23 -14.17
N VAL A 130 -31.25 4.63 -14.79
CA VAL A 130 -29.90 5.12 -14.66
C VAL A 130 -29.05 4.57 -15.81
N GLU A 131 -28.07 5.37 -16.22
CA GLU A 131 -27.13 5.01 -17.28
C GLU A 131 -25.71 5.20 -16.76
N LYS A 132 -24.81 4.33 -17.22
CA LYS A 132 -23.38 4.45 -17.00
C LYS A 132 -22.70 4.47 -18.37
N VAL A 133 -21.73 5.36 -18.53
CA VAL A 133 -20.89 5.38 -19.72
C VAL A 133 -19.45 5.26 -19.29
N GLU A 134 -18.78 4.21 -19.79
CA GLU A 134 -17.43 3.87 -19.41
C GLU A 134 -16.56 3.76 -20.66
N THR A 135 -15.34 4.25 -20.55
CA THR A 135 -14.36 4.18 -21.63
C THR A 135 -13.37 3.09 -21.31
N GLU A 136 -13.00 2.30 -22.30
CA GLU A 136 -12.00 1.26 -22.13
C GLU A 136 -11.07 1.21 -23.33
N TYR A 137 -9.89 0.67 -23.09
CA TYR A 137 -8.76 0.77 -24.00
C TYR A 137 -8.18 -0.62 -24.24
N ALA A 138 -7.71 -0.83 -25.46
CA ALA A 138 -7.24 -2.14 -25.88
C ALA A 138 -5.92 -2.53 -25.19
N ARG A 139 -5.81 -3.81 -24.87
CA ARG A 139 -4.58 -4.37 -24.33
C ARG A 139 -4.23 -5.58 -25.18
N LEU A 140 -2.95 -5.72 -25.51
CA LEU A 140 -2.50 -6.83 -26.34
C LEU A 140 -2.52 -8.17 -25.59
N GLU A 141 -2.92 -9.22 -26.30
CA GLU A 141 -2.94 -10.61 -25.82
C GLU A 141 -2.62 -11.47 -27.05
N ASN A 142 -2.60 -12.79 -26.89
CA ASN A 142 -2.27 -13.66 -28.02
C ASN A 142 -3.40 -13.68 -29.05
N GLY A 143 -3.07 -13.30 -30.28
CA GLY A 143 -4.01 -13.30 -31.37
C GLY A 143 -5.14 -12.29 -31.26
N ARG A 144 -5.10 -11.39 -30.28
CA ARG A 144 -6.25 -10.50 -30.07
C ARG A 144 -5.88 -9.33 -29.16
N PHE A 145 -6.76 -8.33 -29.17
CA PHE A 145 -6.77 -7.24 -28.20
C PHE A 145 -7.93 -7.51 -27.24
N VAL A 146 -7.70 -7.27 -25.95
CA VAL A 146 -8.71 -7.49 -24.91
C VAL A 146 -9.02 -6.16 -24.23
N TYR A 147 -10.27 -6.01 -23.78
CA TYR A 147 -10.71 -4.83 -23.03
C TYR A 147 -11.27 -5.33 -21.69
N ARG A 148 -10.75 -4.78 -20.59
CA ARG A 148 -11.16 -5.22 -19.26
C ARG A 148 -11.83 -4.09 -18.49
N ILE A 149 -13.09 -4.31 -18.12
CA ILE A 149 -13.75 -3.51 -17.10
C ILE A 149 -13.66 -4.32 -15.84
N HIS A 150 -12.99 -3.78 -14.84
CA HIS A 150 -12.71 -4.50 -13.61
C HIS A 150 -13.35 -3.75 -12.45
N ARG A 151 -14.15 -4.45 -11.65
CA ARG A 151 -14.73 -3.91 -10.42
C ARG A 151 -15.35 -2.51 -10.61
N SER A 152 -16.19 -2.38 -11.61
CA SER A 152 -16.97 -1.15 -11.72
C SER A 152 -18.03 -1.17 -10.63
N PRO A 153 -18.07 -0.17 -9.74
CA PRO A 153 -19.04 -0.21 -8.63
C PRO A 153 -20.47 -0.21 -9.17
N MET A 154 -21.34 -0.98 -8.55
CA MET A 154 -22.72 -1.03 -8.96
C MET A 154 -23.44 0.24 -8.53
N CYS A 155 -24.43 0.66 -9.29
CA CYS A 155 -25.18 1.84 -8.87
C CYS A 155 -26.01 1.54 -7.62
N GLU A 156 -26.26 2.59 -6.82
CA GLU A 156 -26.96 2.45 -5.56
C GLU A 156 -28.39 1.96 -5.76
N TYR A 157 -29.01 2.33 -6.87
CA TYR A 157 -30.34 1.81 -7.17
C TYR A 157 -30.32 0.30 -7.16
N MET A 158 -29.36 -0.30 -7.87
CA MET A 158 -29.29 -1.76 -7.98
C MET A 158 -28.97 -2.44 -6.66
N ILE A 159 -28.11 -1.84 -5.84
CA ILE A 159 -27.84 -2.41 -4.53
C ILE A 159 -29.11 -2.43 -3.68
N ASN A 160 -29.89 -1.36 -3.72
CA ASN A 160 -31.14 -1.31 -3.00
C ASN A 160 -32.14 -2.27 -3.58
N PHE A 161 -32.15 -2.39 -4.89
CA PHE A 161 -33.03 -3.32 -5.56
C PHE A 161 -32.71 -4.77 -5.15
N ILE A 162 -31.43 -5.10 -5.02
CA ILE A 162 -31.06 -6.46 -4.67
C ILE A 162 -31.42 -6.80 -3.21
N HIS A 163 -31.11 -5.92 -2.26
CA HIS A 163 -31.49 -6.19 -0.87
C HIS A 163 -32.99 -6.37 -0.73
N LYS A 164 -33.79 -5.49 -1.33
CA LYS A 164 -35.23 -5.61 -1.14
C LYS A 164 -35.77 -6.79 -1.93
N LEU A 165 -35.16 -7.12 -3.07
CA LEU A 165 -35.55 -8.32 -3.78
C LEU A 165 -35.38 -9.56 -2.91
N LYS A 166 -34.26 -9.65 -2.18
CA LYS A 166 -34.02 -10.80 -1.32
C LYS A 166 -34.99 -10.84 -0.14
N HIS A 167 -35.48 -9.67 0.29
CA HIS A 167 -36.41 -9.63 1.42
C HIS A 167 -37.74 -10.29 1.07
N LEU A 168 -38.06 -10.48 -0.21
CA LEU A 168 -39.34 -11.07 -0.58
C LEU A 168 -39.42 -12.53 -0.12
N PRO A 169 -40.59 -12.96 0.34
CA PRO A 169 -40.67 -14.31 0.93
C PRO A 169 -40.58 -15.44 -0.07
N GLU A 170 -40.91 -15.22 -1.34
CA GLU A 170 -41.04 -16.29 -2.32
C GLU A 170 -40.39 -15.95 -3.66
N LYS A 171 -39.86 -16.98 -4.31
CA LYS A 171 -39.12 -16.79 -5.55
C LYS A 171 -40.03 -16.35 -6.69
N TYR A 172 -41.30 -16.79 -6.68
CA TYR A 172 -42.22 -16.35 -7.75
C TYR A 172 -42.50 -14.87 -7.62
N MET A 173 -42.41 -14.31 -6.41
CA MET A 173 -42.51 -12.87 -6.27
C MET A 173 -41.33 -12.17 -6.93
N MET A 174 -40.10 -12.62 -6.59
CA MET A 174 -38.91 -12.13 -7.27
C MET A 174 -39.02 -12.20 -8.78
N ASN A 175 -39.47 -13.36 -9.30
CA ASN A 175 -39.61 -13.48 -10.75
C ASN A 175 -40.61 -12.47 -11.28
N SER A 176 -41.67 -12.20 -10.51
CA SER A 176 -42.69 -11.25 -10.95
C SER A 176 -42.12 -9.84 -11.02
N VAL A 177 -41.31 -9.47 -10.03
CA VAL A 177 -40.58 -8.22 -10.13
C VAL A 177 -39.66 -8.24 -11.34
N LEU A 178 -38.82 -9.29 -11.45
CA LEU A 178 -37.77 -9.34 -12.47
C LEU A 178 -38.34 -9.24 -13.90
N GLU A 179 -39.63 -9.55 -14.09
CA GLU A 179 -40.21 -9.48 -15.43
C GLU A 179 -40.10 -8.11 -16.06
N ASN A 180 -40.09 -7.05 -15.25
CA ASN A 180 -40.01 -5.70 -15.79
C ASN A 180 -38.70 -5.03 -15.45
N PHE A 181 -37.69 -5.83 -15.11
CA PHE A 181 -36.33 -5.35 -14.89
C PHE A 181 -35.47 -5.85 -16.04
N THR A 182 -34.83 -4.92 -16.74
CA THR A 182 -33.95 -5.24 -17.84
C THR A 182 -32.70 -4.39 -17.71
N ILE A 183 -31.65 -4.84 -18.38
CA ILE A 183 -30.44 -4.06 -18.58
C ILE A 183 -30.12 -4.13 -20.07
N LEU A 184 -29.65 -3.01 -20.61
CA LEU A 184 -29.32 -2.90 -22.02
C LEU A 184 -27.91 -2.33 -22.11
N GLN A 185 -27.00 -3.09 -22.69
CA GLN A 185 -25.62 -2.66 -22.82
C GLN A 185 -25.29 -2.47 -24.28
N VAL A 186 -24.72 -1.31 -24.61
CA VAL A 186 -24.32 -0.95 -25.96
C VAL A 186 -22.85 -0.56 -25.94
N VAL A 187 -22.04 -1.24 -26.74
CA VAL A 187 -20.60 -0.98 -26.85
C VAL A 187 -20.33 -0.36 -28.21
N THR A 188 -19.68 0.80 -28.21
CA THR A 188 -19.35 1.50 -29.45
C THR A 188 -17.86 1.77 -29.49
N SER A 189 -17.34 1.93 -30.70
CA SER A 189 -16.07 2.64 -30.86
C SER A 189 -16.35 4.08 -30.48
N ARG A 190 -15.53 4.62 -29.56
CA ARG A 190 -15.89 5.90 -28.94
C ARG A 190 -15.96 7.03 -29.94
N ASP A 191 -14.94 7.14 -30.79
CA ASP A 191 -14.93 8.23 -31.76
C ASP A 191 -15.90 7.99 -32.91
N SER A 192 -15.89 6.79 -33.51
CA SER A 192 -16.74 6.60 -34.68
C SER A 192 -18.22 6.52 -34.29
N GLN A 193 -18.50 6.07 -33.07
CA GLN A 193 -19.84 5.82 -32.54
C GLN A 193 -20.43 4.61 -33.24
N GLU A 194 -19.62 3.88 -34.01
CA GLU A 194 -20.05 2.62 -34.59
C GLU A 194 -20.43 1.62 -33.48
N THR A 195 -21.51 0.90 -33.71
CA THR A 195 -21.99 -0.12 -32.78
C THR A 195 -21.12 -1.37 -32.97
N LEU A 196 -20.57 -1.90 -31.87
CA LEU A 196 -19.80 -3.14 -31.90
C LEU A 196 -20.54 -4.32 -31.30
N LEU A 197 -21.36 -4.08 -30.28
CA LEU A 197 -22.01 -5.14 -29.54
C LEU A 197 -23.15 -4.53 -28.74
N VAL A 198 -24.33 -5.14 -28.85
CA VAL A 198 -25.51 -4.76 -28.07
C VAL A 198 -26.02 -6.01 -27.39
N ILE A 199 -26.12 -5.94 -26.07
CA ILE A 199 -26.66 -7.03 -25.27
C ILE A 199 -27.87 -6.50 -24.49
N ALA A 200 -29.02 -7.14 -24.70
CA ALA A 200 -30.21 -6.97 -23.90
C ALA A 200 -30.27 -8.08 -22.86
N PHE A 201 -30.41 -7.71 -21.59
CA PHE A 201 -30.41 -8.64 -20.48
C PHE A 201 -31.82 -8.74 -19.87
N VAL A 202 -32.30 -9.96 -19.72
CA VAL A 202 -33.54 -10.22 -18.99
C VAL A 202 -33.20 -11.19 -17.87
N PHE A 203 -34.07 -11.26 -16.87
CA PHE A 203 -33.72 -11.89 -15.60
C PHE A 203 -34.84 -12.76 -15.06
N GLU A 204 -34.43 -13.86 -14.43
CA GLU A 204 -35.27 -14.69 -13.60
C GLU A 204 -34.44 -15.10 -12.40
N VAL A 205 -35.08 -15.29 -11.26
CA VAL A 205 -34.34 -15.80 -10.13
C VAL A 205 -34.14 -17.29 -10.34
N SER A 206 -32.93 -17.77 -10.05
CA SER A 206 -32.75 -19.20 -9.95
C SER A 206 -33.71 -19.77 -8.89
N THR A 207 -34.69 -20.57 -9.32
CA THR A 207 -35.66 -21.24 -8.46
C THR A 207 -35.10 -22.53 -7.87
N SER A 208 -33.84 -22.79 -8.10
CA SER A 208 -33.11 -23.90 -7.56
C SER A 208 -31.84 -23.37 -6.92
N GLU A 209 -31.21 -24.20 -6.09
CA GLU A 209 -29.86 -23.88 -5.64
C GLU A 209 -28.80 -24.24 -6.70
N HIS A 210 -29.19 -24.36 -7.98
CA HIS A 210 -28.20 -24.63 -9.02
C HIS A 210 -27.24 -23.45 -9.15
N GLY A 211 -27.70 -22.25 -8.77
CA GLY A 211 -26.92 -21.05 -8.93
C GLY A 211 -27.06 -20.40 -10.29
N ALA A 212 -26.14 -19.45 -10.52
CA ALA A 212 -26.18 -18.59 -11.69
C ALA A 212 -26.13 -19.42 -12.97
N GLN A 213 -27.01 -19.07 -13.90
CA GLN A 213 -27.20 -19.78 -15.15
C GLN A 213 -27.62 -18.77 -16.19
N HIS A 214 -27.29 -19.05 -17.45
CA HIS A 214 -27.58 -18.09 -18.49
C HIS A 214 -27.85 -18.84 -19.79
N HIS A 215 -28.54 -18.15 -20.70
CA HIS A 215 -28.92 -18.64 -22.01
C HIS A 215 -28.84 -17.48 -22.99
N VAL A 216 -28.21 -17.74 -24.14
CA VAL A 216 -27.94 -16.73 -25.15
C VAL A 216 -28.84 -16.96 -26.36
N TYR A 217 -29.33 -15.87 -26.93
CA TYR A 217 -30.16 -15.86 -28.13
C TYR A 217 -29.64 -14.76 -29.05
N LYS A 218 -29.71 -15.03 -30.36
CA LYS A 218 -29.53 -14.02 -31.38
C LYS A 218 -30.82 -13.20 -31.55
N LEU A 219 -30.66 -11.90 -31.79
CA LEU A 219 -31.76 -10.99 -32.03
C LEU A 219 -31.92 -10.74 -33.52
N VAL A 220 -33.10 -11.10 -34.05
CA VAL A 220 -33.34 -11.10 -35.49
C VAL A 220 -34.50 -10.17 -35.82
N LYS A 221 -34.48 -9.65 -37.08
CA LYS A 221 -35.52 -8.78 -37.64
C LYS A 221 -35.80 -9.29 -39.06
N ASP A 222 -36.47 -10.43 -39.13
CA ASP A 222 -36.81 -11.03 -40.41
C ASP A 222 -37.86 -10.19 -41.14
N GLY B 1 9.79 1.68 13.80
CA GLY B 1 8.38 1.99 13.71
C GLY B 1 7.92 2.36 12.31
N SER B 2 6.80 3.05 12.20
CA SER B 2 6.26 3.38 10.88
C SER B 2 6.72 4.72 10.35
N GLN B 3 6.51 4.96 9.05
CA GLN B 3 6.87 6.26 8.46
C GLN B 3 6.09 6.43 7.17
N ASP B 4 4.79 6.56 7.32
CA ASP B 4 3.88 6.57 6.20
C ASP B 4 3.73 8.01 5.70
N ARG B 5 3.98 8.19 4.39
CA ARG B 5 4.07 9.49 3.75
C ARG B 5 3.46 9.41 2.36
N THR B 6 2.89 10.53 1.91
CA THR B 6 2.43 10.67 0.53
C THR B 6 3.58 10.53 -0.46
N ILE B 7 3.41 9.69 -1.48
CA ILE B 7 4.34 9.59 -2.60
C ILE B 7 3.68 10.25 -3.81
N ALA B 8 4.19 11.41 -4.19
CA ALA B 8 3.65 12.19 -5.30
C ALA B 8 4.73 13.10 -5.86
N SER B 9 4.89 13.08 -7.18
CA SER B 9 5.57 14.16 -7.91
C SER B 9 4.57 15.29 -8.14
N SER B 10 5.01 16.31 -8.88
CA SER B 10 4.05 17.31 -9.35
C SER B 10 3.11 16.70 -10.38
N ARG B 11 3.56 15.69 -11.13
CA ARG B 11 2.75 15.15 -12.22
C ARG B 11 1.98 13.90 -11.82
N LEU B 12 2.48 13.12 -10.86
CA LEU B 12 1.87 11.82 -10.58
C LEU B 12 1.94 11.49 -9.10
N ARG B 13 0.87 10.83 -8.63
CA ARG B 13 0.73 10.40 -7.25
C ARG B 13 0.45 8.91 -7.19
N LEU B 14 1.08 8.22 -6.24
CA LEU B 14 0.82 6.80 -5.98
C LEU B 14 -0.31 6.73 -4.95
N LEU B 15 -1.36 5.97 -5.26
CA LEU B 15 -2.48 5.84 -4.34
C LEU B 15 -2.36 4.60 -3.45
N GLU B 16 -1.78 3.53 -3.99
CA GLU B 16 -1.83 2.23 -3.34
C GLU B 16 -0.89 1.28 -4.07
N TYR B 17 -0.36 0.32 -3.34
CA TYR B 17 0.67 -0.61 -3.81
C TYR B 17 0.53 -1.89 -2.99
N SER B 18 0.57 -3.05 -3.66
CA SER B 18 0.46 -4.30 -2.92
C SER B 18 1.13 -5.42 -3.69
N ALA B 19 1.78 -6.30 -2.96
CA ALA B 19 2.34 -7.53 -3.50
C ALA B 19 1.82 -8.65 -2.63
N PHE B 20 1.23 -9.66 -3.26
CA PHE B 20 0.35 -10.58 -2.56
C PHE B 20 0.39 -11.96 -3.20
N MET B 21 0.05 -12.95 -2.39
CA MET B 21 -0.17 -14.34 -2.77
C MET B 21 -1.61 -14.67 -2.40
N GLU B 22 -2.35 -15.24 -3.36
CA GLU B 22 -3.79 -15.44 -3.26
C GLU B 22 -4.14 -16.91 -3.49
N VAL B 23 -4.87 -17.50 -2.55
CA VAL B 23 -5.22 -18.91 -2.58
C VAL B 23 -6.72 -19.05 -2.42
N GLN B 24 -7.34 -19.78 -3.33
CA GLN B 24 -8.77 -20.01 -3.30
C GLN B 24 -9.03 -21.12 -2.29
N ARG B 25 -9.81 -20.84 -1.24
CA ARG B 25 -10.04 -21.85 -0.19
C ARG B 25 -11.18 -22.79 -0.56
N ASP B 26 -12.28 -22.23 -1.03
CA ASP B 26 -13.46 -22.95 -1.49
C ASP B 26 -14.05 -22.14 -2.62
N PRO B 27 -15.15 -22.58 -3.24
CA PRO B 27 -15.59 -21.82 -4.42
C PRO B 27 -16.02 -20.38 -4.11
N ASP B 28 -16.46 -20.10 -2.87
CA ASP B 28 -16.96 -18.76 -2.53
C ASP B 28 -15.84 -17.84 -2.04
N THR B 29 -14.83 -18.38 -1.37
CA THR B 29 -13.93 -17.58 -0.56
C THR B 29 -12.45 -17.90 -0.86
N TYR B 30 -11.62 -16.88 -0.75
CA TYR B 30 -10.19 -17.01 -0.97
C TYR B 30 -9.46 -16.33 0.18
N SER B 31 -8.22 -16.75 0.40
CA SER B 31 -7.35 -16.03 1.31
C SER B 31 -6.31 -15.23 0.52
N LYS B 32 -5.98 -14.05 1.03
CA LYS B 32 -4.97 -13.17 0.44
C LYS B 32 -3.91 -12.86 1.50
N HIS B 33 -2.66 -13.10 1.15
CA HIS B 33 -1.55 -12.71 2.01
C HIS B 33 -0.78 -11.61 1.30
N LEU B 34 -0.62 -10.48 2.01
CA LEU B 34 0.11 -9.31 1.51
C LEU B 34 1.54 -9.35 2.03
N PHE B 35 2.51 -9.53 1.12
CA PHE B 35 3.91 -9.40 1.54
C PHE B 35 4.22 -7.97 1.94
N VAL B 36 3.75 -7.01 1.14
CA VAL B 36 3.90 -5.59 1.38
C VAL B 36 2.58 -4.93 0.98
N HIS B 37 2.40 -3.69 1.41
CA HIS B 37 1.20 -2.96 1.09
C HIS B 37 1.27 -1.53 1.51
N ILE B 38 0.99 -0.62 0.59
CA ILE B 38 0.87 0.75 1.00
C ILE B 38 -0.59 1.10 0.80
N GLY B 39 -1.24 1.51 1.88
CA GLY B 39 -2.65 1.83 1.89
C GLY B 39 -3.12 3.08 1.21
N GLN B 40 -4.37 3.07 0.77
CA GLN B 40 -4.86 4.20 -0.02
C GLN B 40 -4.88 5.54 0.67
N THR B 41 -5.23 5.56 1.95
CA THR B 41 -5.32 6.81 2.68
C THR B 41 -6.27 7.78 1.97
N ASN B 42 -6.13 9.07 2.22
CA ASN B 42 -7.05 10.02 1.63
C ASN B 42 -6.30 10.89 0.66
N PRO B 43 -6.79 11.02 -0.58
CA PRO B 43 -6.03 11.77 -1.59
C PRO B 43 -6.14 13.23 -1.31
N ALA B 44 -7.15 13.64 -0.57
CA ALA B 44 -7.25 15.02 -0.10
C ALA B 44 -6.03 15.62 0.64
N PHE B 45 -5.37 14.88 1.53
CA PHE B 45 -4.27 15.55 2.24
C PHE B 45 -2.87 15.07 1.92
N SER B 46 -1.96 16.02 1.77
CA SER B 46 -0.58 15.68 1.46
C SER B 46 0.31 15.61 2.69
N ASP B 47 0.98 14.49 2.88
CA ASP B 47 1.93 14.33 3.99
C ASP B 47 3.24 13.96 3.35
N PRO B 48 3.83 14.89 2.64
CA PRO B 48 5.05 14.56 1.92
C PRO B 48 6.14 14.15 2.90
N PRO B 49 7.09 13.31 2.49
CA PRO B 49 8.12 12.84 3.41
C PRO B 49 9.01 13.98 3.88
N LEU B 50 9.21 14.06 5.18
CA LEU B 50 10.22 14.90 5.78
C LEU B 50 11.58 14.20 5.91
N GLU B 51 11.64 12.93 5.58
CA GLU B 51 12.86 12.15 5.77
C GLU B 51 13.54 11.96 4.43
N ALA B 52 14.83 12.31 4.35
CA ALA B 52 15.57 12.32 3.10
C ALA B 52 16.74 11.34 3.15
N VAL B 53 16.97 10.70 2.01
CA VAL B 53 18.15 9.89 1.75
C VAL B 53 18.79 10.45 0.49
N ASP B 54 20.11 10.57 0.50
CA ASP B 54 20.83 11.03 -0.69
C ASP B 54 21.00 9.90 -1.69
N VAL B 55 20.49 10.14 -2.91
CA VAL B 55 20.41 9.10 -3.94
C VAL B 55 21.79 8.50 -4.24
N ARG B 56 22.86 9.27 -4.05
CA ARG B 56 24.18 8.74 -4.35
C ARG B 56 24.53 7.59 -3.42
N GLN B 57 23.91 7.54 -2.24
CA GLN B 57 24.21 6.47 -1.31
C GLN B 57 23.54 5.15 -1.68
N ILE B 58 22.69 5.14 -2.69
CA ILE B 58 22.02 3.89 -3.00
C ILE B 58 22.31 3.49 -4.45
N TYR B 59 23.28 4.16 -5.09
CA TYR B 59 23.63 3.83 -6.48
C TYR B 59 24.10 2.38 -6.62
N ASP B 60 24.82 1.87 -5.64
CA ASP B 60 25.34 0.51 -5.75
C ASP B 60 24.22 -0.51 -5.61
N LYS B 61 23.12 -0.13 -4.97
CA LYS B 61 22.00 -1.07 -4.78
C LYS B 61 21.17 -1.25 -6.05
N PHE B 62 21.41 -0.48 -7.10
CA PHE B 62 20.55 -0.45 -8.26
C PHE B 62 21.36 -0.44 -9.53
N PRO B 63 20.76 -0.74 -10.68
CA PRO B 63 21.55 -0.80 -11.91
C PRO B 63 22.19 0.56 -12.20
N GLU B 64 23.34 0.49 -12.86
CA GLU B 64 24.15 1.66 -13.12
C GLU B 64 24.40 1.77 -14.62
N LYS B 65 25.07 2.85 -14.99
CA LYS B 65 25.38 3.22 -16.38
C LYS B 65 24.08 3.50 -17.13
N LYS B 66 23.94 3.06 -18.37
CA LYS B 66 22.72 3.29 -19.14
C LYS B 66 21.54 2.63 -18.43
N GLY B 67 20.42 3.36 -18.36
CA GLY B 67 19.25 2.95 -17.59
C GLY B 67 19.40 3.07 -16.09
N GLY B 68 20.50 3.64 -15.63
CA GLY B 68 20.81 3.63 -14.21
C GLY B 68 20.21 4.78 -13.43
N LEU B 69 20.24 4.61 -12.12
CA LEU B 69 19.61 5.58 -11.24
C LEU B 69 20.29 6.94 -11.34
N LYS B 70 21.62 6.95 -11.45
CA LYS B 70 22.35 8.19 -11.59
C LYS B 70 21.94 8.95 -12.84
N GLU B 71 21.86 8.27 -13.98
CA GLU B 71 21.37 8.91 -15.19
C GLU B 71 19.92 9.36 -15.04
N LEU B 72 19.04 8.49 -14.53
CA LEU B 72 17.64 8.87 -14.35
C LEU B 72 17.53 10.09 -13.45
N TYR B 73 18.31 10.14 -12.37
CA TYR B 73 18.24 11.31 -11.52
C TYR B 73 18.74 12.55 -12.24
N GLU B 74 19.80 12.42 -13.04
CA GLU B 74 20.36 13.57 -13.75
C GLU B 74 19.36 14.15 -14.75
N LYS B 75 18.60 13.29 -15.45
CA LYS B 75 17.54 13.79 -16.33
C LYS B 75 16.43 14.48 -15.52
N GLY B 76 16.18 14.03 -14.29
CA GLY B 76 15.14 14.59 -13.46
C GLY B 76 13.75 14.30 -13.98
N PRO B 77 12.74 14.90 -13.35
CA PRO B 77 12.83 15.89 -12.28
C PRO B 77 13.10 15.27 -10.91
N PRO B 78 13.84 16.00 -10.07
CA PRO B 78 14.19 15.49 -8.73
C PRO B 78 12.97 15.24 -7.87
N ASN B 79 11.88 15.98 -8.07
CA ASN B 79 10.75 15.81 -7.19
C ASN B 79 10.05 14.48 -7.41
N ALA B 80 10.53 13.66 -8.36
CA ALA B 80 9.80 12.44 -8.67
C ALA B 80 10.43 11.23 -7.98
N PHE B 81 11.60 11.40 -7.35
CA PHE B 81 12.36 10.27 -6.85
C PHE B 81 12.14 10.01 -5.36
N PHE B 82 11.72 8.78 -5.08
CA PHE B 82 11.34 8.36 -3.75
C PHE B 82 12.06 7.06 -3.41
N LEU B 83 12.24 6.84 -2.12
CA LEU B 83 12.78 5.58 -1.62
C LEU B 83 11.79 5.01 -0.61
N VAL B 84 11.43 3.74 -0.80
CA VAL B 84 10.55 3.00 0.10
C VAL B 84 11.28 1.77 0.62
N LYS B 85 11.22 1.58 1.92
CA LYS B 85 11.72 0.38 2.52
C LYS B 85 10.58 -0.43 3.10
N PHE B 86 10.49 -1.68 2.72
CA PHE B 86 9.46 -2.58 3.22
C PHE B 86 10.08 -3.53 4.26
N TRP B 87 9.34 -3.78 5.34
CA TRP B 87 9.53 -4.97 6.18
C TRP B 87 8.46 -5.94 5.74
N ALA B 88 8.85 -6.97 5.02
CA ALA B 88 7.93 -7.88 4.36
C ALA B 88 7.44 -8.97 5.33
N ASP B 89 6.18 -9.35 5.16
CA ASP B 89 5.54 -10.39 5.95
C ASP B 89 5.66 -11.71 5.20
N LEU B 90 6.40 -12.64 5.79
CA LEU B 90 6.55 -13.94 5.20
C LEU B 90 5.91 -14.95 6.12
N ASN B 91 4.92 -14.54 6.89
CA ASN B 91 4.22 -15.52 7.71
C ASN B 91 3.50 -16.50 6.82
N SER B 92 3.53 -17.76 7.18
CA SER B 92 3.01 -18.84 6.32
C SER B 92 1.71 -19.50 6.78
N THR B 93 0.90 -18.85 7.60
CA THR B 93 -0.26 -19.53 8.11
C THR B 93 -1.05 -19.90 6.90
N ILE B 94 -1.14 -19.01 5.93
CA ILE B 94 -1.73 -19.43 4.67
C ILE B 94 -0.71 -20.34 4.02
N GLN B 95 -1.14 -21.42 3.41
CA GLN B 95 -0.22 -22.29 2.71
C GLN B 95 -0.52 -22.30 1.21
N GLU B 96 0.50 -22.15 0.39
CA GLU B 96 0.32 -22.20 -1.04
C GLU B 96 -0.63 -23.27 -1.55
N GLY B 97 -0.31 -24.54 -1.32
CA GLY B 97 -1.13 -25.59 -1.88
C GLY B 97 -0.80 -25.82 -3.33
N PRO B 98 -1.66 -26.55 -4.02
CA PRO B 98 -1.41 -26.84 -5.41
C PRO B 98 -1.38 -25.59 -6.27
N GLY B 99 -2.31 -24.67 -6.05
CA GLY B 99 -2.29 -23.43 -6.78
C GLY B 99 -2.32 -22.14 -6.02
N ALA B 100 -1.41 -21.24 -6.32
CA ALA B 100 -1.49 -19.94 -5.72
C ALA B 100 -1.18 -18.88 -6.73
N PHE B 101 -1.73 -17.70 -6.53
CA PHE B 101 -1.41 -16.58 -7.40
C PHE B 101 -0.56 -15.54 -6.71
N TYR B 102 0.56 -15.23 -7.34
CA TYR B 102 1.44 -14.21 -6.84
C TYR B 102 1.19 -13.04 -7.76
N GLY B 103 0.86 -11.90 -7.21
CA GLY B 103 0.48 -10.74 -8.00
C GLY B 103 0.88 -9.43 -7.33
N VAL B 104 0.96 -8.40 -8.16
CA VAL B 104 1.26 -7.03 -7.74
C VAL B 104 0.19 -6.12 -8.29
N SER B 105 -0.30 -5.21 -7.44
CA SER B 105 -1.29 -4.21 -7.80
C SER B 105 -0.82 -2.85 -7.30
N SER B 106 -1.00 -1.84 -8.13
CA SER B 106 -0.65 -0.48 -7.78
C SER B 106 -1.63 0.45 -8.48
N GLN B 107 -1.85 1.62 -7.88
CA GLN B 107 -2.78 2.63 -8.32
C GLN B 107 -2.11 4.00 -8.29
N TYR B 108 -2.35 4.80 -9.33
CA TYR B 108 -1.78 6.13 -9.49
C TYR B 108 -2.87 7.12 -9.88
N SER B 109 -2.58 8.40 -9.73
CA SER B 109 -3.58 9.43 -9.99
C SER B 109 -2.87 10.67 -10.51
N SER B 110 -3.48 11.32 -11.48
CA SER B 110 -2.96 12.55 -12.04
C SER B 110 -4.13 13.46 -12.37
N ALA B 111 -3.86 14.77 -12.35
CA ALA B 111 -4.82 15.75 -12.83
C ALA B 111 -4.83 15.76 -14.36
N ASP B 112 -3.65 15.66 -14.96
CA ASP B 112 -3.42 15.50 -16.39
C ASP B 112 -3.90 14.09 -16.81
N SER B 113 -4.27 13.94 -18.09
CA SER B 113 -4.44 12.63 -18.74
C SER B 113 -3.20 12.28 -19.55
N MET B 114 -2.63 11.12 -19.26
CA MET B 114 -1.42 10.66 -19.88
C MET B 114 -1.63 9.21 -20.27
N THR B 115 -0.70 8.69 -21.05
CA THR B 115 -0.50 7.26 -21.20
C THR B 115 0.84 6.96 -20.54
N ILE B 116 0.82 6.10 -19.51
CA ILE B 116 2.00 5.89 -18.67
C ILE B 116 2.66 4.54 -18.99
N SER B 117 3.98 4.55 -18.97
CA SER B 117 4.81 3.38 -19.11
C SER B 117 5.46 3.10 -17.76
N VAL B 118 5.23 1.91 -17.23
CA VAL B 118 5.77 1.53 -15.92
C VAL B 118 6.82 0.44 -16.13
N SER B 119 8.08 0.75 -15.83
CA SER B 119 9.17 -0.21 -15.87
C SER B 119 9.36 -0.76 -14.46
N THR B 120 9.34 -2.08 -14.31
CA THR B 120 9.63 -2.72 -13.05
C THR B 120 10.91 -3.54 -13.23
N LYS B 121 11.94 -3.23 -12.47
CA LYS B 121 13.18 -3.98 -12.56
C LYS B 121 13.43 -4.70 -11.23
N VAL B 122 13.62 -6.00 -11.31
CA VAL B 122 13.96 -6.83 -10.16
C VAL B 122 15.45 -7.08 -10.23
N CYS B 123 16.15 -6.75 -9.14
CA CYS B 123 17.60 -6.73 -9.05
C CYS B 123 18.13 -7.60 -7.92
N SER B 124 19.31 -8.14 -8.15
CA SER B 124 20.07 -8.84 -7.14
C SER B 124 21.47 -8.24 -7.16
N PHE B 125 21.96 -7.84 -5.98
CA PHE B 125 23.28 -7.20 -5.85
C PHE B 125 23.42 -6.03 -6.82
N GLY B 126 22.38 -5.22 -6.96
CA GLY B 126 22.41 -4.04 -7.82
C GLY B 126 22.41 -4.33 -9.30
N LYS B 127 22.11 -5.56 -9.70
CA LYS B 127 22.12 -5.95 -11.10
C LYS B 127 20.74 -6.41 -11.52
N GLN B 128 20.29 -5.97 -12.70
CA GLN B 128 18.98 -6.34 -13.21
C GLN B 128 18.88 -7.83 -13.50
N VAL B 129 17.89 -8.49 -12.92
CA VAL B 129 17.61 -9.89 -13.21
C VAL B 129 16.52 -10.02 -14.27
N VAL B 130 15.43 -9.28 -14.11
CA VAL B 130 14.29 -9.30 -15.02
C VAL B 130 13.70 -7.90 -15.05
N GLU B 131 13.14 -7.53 -16.19
CA GLU B 131 12.48 -6.25 -16.29
C GLU B 131 11.17 -6.45 -17.01
N LYS B 132 10.17 -5.68 -16.62
CA LYS B 132 8.87 -5.73 -17.24
C LYS B 132 8.41 -4.31 -17.54
N VAL B 133 7.87 -4.12 -18.74
CA VAL B 133 7.31 -2.84 -19.14
C VAL B 133 5.82 -3.06 -19.36
N GLU B 134 5.00 -2.19 -18.78
CA GLU B 134 3.56 -2.24 -18.83
C GLU B 134 3.02 -0.86 -19.20
N THR B 135 1.91 -0.86 -19.95
CA THR B 135 1.28 0.35 -20.44
C THR B 135 -0.10 0.47 -19.86
N GLU B 136 -0.39 1.62 -19.26
CA GLU B 136 -1.67 1.84 -18.63
C GLU B 136 -2.27 3.14 -19.14
N TYR B 137 -3.59 3.16 -19.21
CA TYR B 137 -4.34 4.28 -19.74
C TYR B 137 -5.11 4.95 -18.61
N ALA B 138 -5.28 6.25 -18.69
CA ALA B 138 -6.02 6.93 -17.65
C ALA B 138 -7.51 6.64 -17.75
N ARG B 139 -8.14 6.41 -16.61
CA ARG B 139 -9.58 6.37 -16.47
C ARG B 139 -9.95 7.52 -15.54
N LEU B 140 -10.84 8.40 -15.98
CA LEU B 140 -11.14 9.61 -15.26
C LEU B 140 -12.30 9.35 -14.31
N GLU B 141 -12.04 9.52 -13.01
CA GLU B 141 -13.04 9.34 -11.97
C GLU B 141 -12.97 10.52 -11.02
N ASN B 142 -14.13 11.12 -10.73
CA ASN B 142 -14.29 12.16 -9.71
C ASN B 142 -13.28 13.28 -9.88
N GLY B 143 -13.11 13.75 -11.11
CA GLY B 143 -12.21 14.85 -11.37
C GLY B 143 -10.75 14.48 -11.43
N ARG B 144 -10.42 13.19 -11.27
CA ARG B 144 -9.04 12.75 -11.28
C ARG B 144 -8.85 11.57 -12.21
N PHE B 145 -7.84 11.65 -13.06
CA PHE B 145 -7.40 10.49 -13.82
C PHE B 145 -6.72 9.49 -12.90
N VAL B 146 -7.18 8.24 -12.96
CA VAL B 146 -6.67 7.16 -12.14
C VAL B 146 -6.06 6.13 -13.08
N TYR B 147 -4.89 5.63 -12.72
CA TYR B 147 -4.23 4.56 -13.44
C TYR B 147 -4.20 3.35 -12.51
N ARG B 148 -4.47 2.16 -13.05
CA ARG B 148 -4.47 0.94 -12.26
C ARG B 148 -3.68 -0.15 -12.95
N ILE B 149 -2.69 -0.69 -12.24
CA ILE B 149 -2.04 -1.93 -12.61
C ILE B 149 -2.66 -2.97 -11.71
N HIS B 150 -3.45 -3.87 -12.30
CA HIS B 150 -4.33 -4.76 -11.55
C HIS B 150 -3.87 -6.21 -11.67
N ARG B 151 -3.42 -6.78 -10.56
CA ARG B 151 -3.07 -8.21 -10.50
C ARG B 151 -2.08 -8.61 -11.58
N SER B 152 -1.01 -7.84 -11.73
CA SER B 152 0.07 -8.24 -12.64
C SER B 152 0.78 -9.45 -12.04
N PRO B 153 0.86 -10.56 -12.76
CA PRO B 153 1.47 -11.76 -12.19
C PRO B 153 2.95 -11.59 -11.89
N MET B 154 3.34 -12.04 -10.71
CA MET B 154 4.73 -12.02 -10.29
C MET B 154 5.59 -12.87 -11.20
N CYS B 155 6.83 -12.43 -11.44
CA CYS B 155 7.72 -13.17 -12.33
C CYS B 155 8.21 -14.46 -11.66
N GLU B 156 8.57 -15.44 -12.49
CA GLU B 156 8.95 -16.75 -11.97
C GLU B 156 10.15 -16.65 -11.06
N TYR B 157 11.10 -15.75 -11.38
CA TYR B 157 12.25 -15.54 -10.51
C TYR B 157 11.80 -15.19 -9.10
N MET B 158 10.79 -14.31 -8.98
CA MET B 158 10.30 -13.92 -7.66
C MET B 158 9.59 -15.06 -6.97
N ILE B 159 8.84 -15.87 -7.72
CA ILE B 159 8.12 -16.96 -7.08
C ILE B 159 9.10 -17.97 -6.49
N ASN B 160 10.14 -18.35 -7.24
CA ASN B 160 11.18 -19.21 -6.70
C ASN B 160 11.94 -18.52 -5.56
N PHE B 161 12.21 -17.22 -5.70
CA PHE B 161 12.85 -16.47 -4.63
C PHE B 161 12.06 -16.59 -3.33
N ILE B 162 10.73 -16.44 -3.39
CA ILE B 162 9.92 -16.47 -2.18
C ILE B 162 9.91 -17.87 -1.57
N HIS B 163 9.80 -18.90 -2.42
CA HIS B 163 9.86 -20.26 -1.91
C HIS B 163 11.19 -20.52 -1.21
N LYS B 164 12.31 -20.06 -1.78
CA LYS B 164 13.60 -20.31 -1.15
C LYS B 164 13.78 -19.52 0.14
N LEU B 165 13.27 -18.28 0.18
CA LEU B 165 13.27 -17.56 1.45
C LEU B 165 12.55 -18.35 2.53
N LYS B 166 11.45 -19.01 2.16
CA LYS B 166 10.67 -19.74 3.16
C LYS B 166 11.36 -21.04 3.55
N HIS B 167 12.22 -21.57 2.67
CA HIS B 167 13.00 -22.73 3.07
C HIS B 167 13.88 -22.41 4.28
N LEU B 168 14.31 -21.17 4.40
CA LEU B 168 15.35 -20.88 5.39
C LEU B 168 14.80 -21.03 6.80
N PRO B 169 15.60 -21.59 7.73
CA PRO B 169 15.08 -21.84 9.07
C PRO B 169 14.84 -20.59 9.89
N GLU B 170 15.63 -19.53 9.71
CA GLU B 170 15.61 -18.39 10.63
C GLU B 170 15.51 -17.05 9.92
N LYS B 171 14.76 -16.13 10.56
CA LYS B 171 14.39 -14.88 9.90
C LYS B 171 15.60 -14.03 9.61
N TYR B 172 16.58 -14.02 10.52
CA TYR B 172 17.79 -13.25 10.25
C TYR B 172 18.34 -13.65 8.90
N MET B 173 18.24 -14.94 8.54
CA MET B 173 18.72 -15.40 7.24
C MET B 173 17.91 -14.78 6.11
N MET B 174 16.57 -14.81 6.21
CA MET B 174 15.72 -14.15 5.21
C MET B 174 16.08 -12.68 5.09
N ASN B 175 16.30 -12.01 6.23
CA ASN B 175 16.65 -10.61 6.16
C ASN B 175 17.93 -10.44 5.37
N SER B 176 18.88 -11.35 5.56
CA SER B 176 20.15 -11.26 4.85
C SER B 176 19.97 -11.53 3.36
N VAL B 177 19.11 -12.47 3.00
CA VAL B 177 18.81 -12.64 1.58
C VAL B 177 18.13 -11.38 1.04
N LEU B 178 17.17 -10.82 1.79
CA LEU B 178 16.44 -9.65 1.31
C LEU B 178 17.35 -8.44 1.16
N GLU B 179 18.44 -8.38 1.91
CA GLU B 179 19.29 -7.20 1.92
C GLU B 179 19.91 -6.92 0.55
N ASN B 180 20.01 -7.93 -0.33
CA ASN B 180 20.56 -7.73 -1.67
C ASN B 180 19.53 -7.86 -2.78
N PHE B 181 18.26 -7.82 -2.42
CA PHE B 181 17.18 -7.81 -3.37
C PHE B 181 16.57 -6.42 -3.30
N THR B 182 16.48 -5.75 -4.46
CA THR B 182 15.94 -4.41 -4.58
C THR B 182 15.09 -4.33 -5.83
N ILE B 183 14.10 -3.46 -5.82
CA ILE B 183 13.28 -3.22 -7.00
C ILE B 183 13.34 -1.74 -7.34
N LEU B 184 13.45 -1.45 -8.62
CA LEU B 184 13.39 -0.09 -9.15
C LEU B 184 12.19 0.00 -10.09
N GLN B 185 11.28 0.89 -9.77
CA GLN B 185 10.11 1.16 -10.61
C GLN B 185 10.16 2.60 -11.09
N VAL B 186 10.02 2.78 -12.40
CA VAL B 186 10.07 4.07 -13.08
C VAL B 186 8.81 4.19 -13.93
N VAL B 187 8.05 5.26 -13.71
CA VAL B 187 6.87 5.57 -14.50
C VAL B 187 7.17 6.79 -15.34
N THR B 188 6.96 6.66 -16.65
CA THR B 188 7.19 7.73 -17.62
C THR B 188 5.91 7.94 -18.43
N SER B 189 5.77 9.16 -18.95
CA SER B 189 4.76 9.47 -19.95
C SER B 189 5.26 8.93 -21.29
N ARG B 190 4.50 8.05 -21.93
CA ARG B 190 4.98 7.40 -23.16
C ARG B 190 5.22 8.42 -24.26
N ASP B 191 4.27 9.32 -24.49
CA ASP B 191 4.45 10.35 -25.50
C ASP B 191 5.58 11.30 -25.12
N SER B 192 5.48 11.90 -23.94
CA SER B 192 6.49 12.87 -23.49
C SER B 192 7.86 12.22 -23.34
N GLN B 193 7.92 10.97 -22.87
CA GLN B 193 9.14 10.31 -22.42
C GLN B 193 9.61 10.95 -21.11
N GLU B 194 8.80 11.81 -20.50
CA GLU B 194 9.13 12.43 -19.23
C GLU B 194 8.95 11.45 -18.07
N THR B 195 9.82 11.57 -17.07
CA THR B 195 9.79 10.75 -15.87
C THR B 195 8.81 11.37 -14.87
N LEU B 196 7.83 10.58 -14.43
CA LEU B 196 6.81 11.09 -13.51
C LEU B 196 7.02 10.64 -12.07
N LEU B 197 7.28 9.35 -11.87
CA LEU B 197 7.48 8.80 -10.54
C LEU B 197 8.52 7.71 -10.66
N VAL B 198 9.53 7.77 -9.79
CA VAL B 198 10.54 6.73 -9.63
C VAL B 198 10.49 6.34 -8.17
N ILE B 199 10.35 5.04 -7.90
CA ILE B 199 10.43 4.53 -6.53
C ILE B 199 11.50 3.45 -6.48
N ALA B 200 12.46 3.61 -5.58
CA ALA B 200 13.45 2.59 -5.27
C ALA B 200 12.98 1.82 -4.03
N PHE B 201 12.94 0.49 -4.13
CA PHE B 201 12.46 -0.38 -3.06
C PHE B 201 13.59 -1.20 -2.44
N VAL B 202 13.72 -1.15 -1.13
CA VAL B 202 14.63 -2.00 -0.39
C VAL B 202 13.82 -2.77 0.64
N PHE B 203 14.41 -3.84 1.17
CA PHE B 203 13.61 -4.85 1.84
C PHE B 203 14.28 -5.37 3.11
N GLU B 204 13.46 -5.59 4.12
CA GLU B 204 13.80 -6.41 5.25
C GLU B 204 12.58 -7.28 5.51
N VAL B 205 12.67 -8.14 6.52
CA VAL B 205 11.57 -9.01 6.90
C VAL B 205 10.99 -8.53 8.21
N SER B 206 9.67 -8.49 8.30
CA SER B 206 9.00 -7.94 9.47
C SER B 206 9.16 -8.90 10.65
N THR B 207 9.38 -8.36 11.83
CA THR B 207 9.27 -9.17 13.04
C THR B 207 7.93 -8.97 13.73
N SER B 208 7.21 -7.91 13.38
CA SER B 208 5.92 -7.61 13.99
C SER B 208 4.89 -8.69 13.69
N GLU B 209 4.10 -9.03 14.72
CA GLU B 209 2.92 -9.88 14.55
C GLU B 209 1.69 -9.09 14.13
N HIS B 210 1.86 -7.79 13.91
CA HIS B 210 0.90 -6.91 13.27
C HIS B 210 1.10 -6.86 11.76
N GLY B 211 2.12 -7.54 11.24
CA GLY B 211 2.30 -7.67 9.81
C GLY B 211 3.34 -6.74 9.22
N ALA B 212 3.22 -6.52 7.92
CA ALA B 212 4.19 -5.70 7.22
C ALA B 212 4.30 -4.22 7.60
N GLN B 213 5.48 -3.66 7.35
CA GLN B 213 5.72 -2.26 7.64
C GLN B 213 6.46 -1.57 6.50
N HIS B 214 6.27 -0.27 6.37
CA HIS B 214 6.99 0.46 5.37
C HIS B 214 7.51 1.82 5.80
N HIS B 215 8.58 2.28 5.16
CA HIS B 215 9.12 3.61 5.40
C HIS B 215 9.21 4.34 4.07
N VAL B 216 8.86 5.62 4.05
CA VAL B 216 8.98 6.44 2.85
C VAL B 216 9.97 7.57 3.05
N TYR B 217 10.88 7.73 2.12
CA TYR B 217 11.85 8.79 2.17
C TYR B 217 11.92 9.51 0.84
N LYS B 218 12.29 10.79 0.87
CA LYS B 218 12.51 11.49 -0.37
C LYS B 218 13.94 11.31 -0.82
N LEU B 219 14.13 10.92 -2.06
CA LEU B 219 15.47 10.80 -2.59
C LEU B 219 15.99 12.16 -3.04
N VAL B 220 17.13 12.57 -2.49
CA VAL B 220 17.71 13.88 -2.74
C VAL B 220 19.15 13.72 -3.21
N LYS B 221 19.66 14.74 -3.89
CA LYS B 221 21.08 14.85 -4.23
C LYS B 221 21.77 15.90 -3.40
N ASP B 222 21.02 16.52 -2.48
CA ASP B 222 21.49 17.44 -1.43
C ASP B 222 20.29 18.20 -0.84
N GLY C 1 9.08 -0.17 10.08
CA GLY C 1 10.03 -1.01 10.78
C GLY C 1 11.12 -0.20 11.46
N SER C 2 12.09 -0.88 12.08
CA SER C 2 13.19 -0.24 12.80
C SER C 2 14.55 -0.12 12.11
N GLN C 3 15.28 0.95 12.40
CA GLN C 3 16.57 1.18 11.75
C GLN C 3 17.67 1.51 12.75
N ASP C 4 18.57 0.57 13.00
CA ASP C 4 19.62 0.79 13.99
C ASP C 4 20.82 1.36 13.26
N ARG C 5 21.23 2.54 13.66
CA ARG C 5 22.32 3.26 13.03
C ARG C 5 23.33 3.70 14.08
N THR C 6 24.60 3.67 13.69
CA THR C 6 25.63 4.16 14.59
C THR C 6 25.46 5.66 14.79
N ILE C 7 25.55 6.09 16.04
CA ILE C 7 25.42 7.50 16.40
C ILE C 7 26.80 7.99 16.80
N ALA C 8 27.39 8.88 16.00
CA ALA C 8 28.74 9.33 16.33
C ALA C 8 29.00 10.68 15.66
N SER C 9 29.68 11.57 16.38
CA SER C 9 30.31 12.76 15.80
C SER C 9 31.74 12.41 15.44
N SER C 10 32.50 13.44 15.03
CA SER C 10 33.94 13.26 14.90
C SER C 10 34.60 13.06 16.25
N ARG C 11 34.01 13.57 17.32
CA ARG C 11 34.67 13.49 18.61
C ARG C 11 34.16 12.35 19.48
N LEU C 12 32.99 11.77 19.18
CA LEU C 12 32.40 10.88 20.17
C LEU C 12 31.28 10.03 19.57
N ARG C 13 31.28 8.76 19.94
CA ARG C 13 30.31 7.76 19.50
C ARG C 13 29.50 7.24 20.68
N LEU C 14 28.19 7.09 20.46
CA LEU C 14 27.33 6.49 21.47
C LEU C 14 27.37 4.98 21.27
N LEU C 15 27.66 4.24 22.34
CA LEU C 15 27.68 2.78 22.19
C LEU C 15 26.36 2.15 22.63
N GLU C 16 25.74 2.71 23.66
CA GLU C 16 24.58 2.08 24.24
C GLU C 16 23.79 3.13 25.01
N TYR C 17 22.47 2.97 24.99
CA TYR C 17 21.52 3.80 25.71
C TYR C 17 20.36 2.91 26.15
N SER C 18 20.03 2.95 27.45
CA SER C 18 18.93 2.15 27.99
C SER C 18 18.19 2.91 29.06
N ALA C 19 16.87 2.77 29.07
CA ALA C 19 16.03 3.22 30.17
C ALA C 19 15.19 2.03 30.58
N PHE C 20 15.20 1.72 31.87
CA PHE C 20 14.72 0.41 32.28
C PHE C 20 14.13 0.46 33.67
N MET C 21 13.43 -0.61 33.99
CA MET C 21 12.93 -0.90 35.33
C MET C 21 13.32 -2.33 35.68
N GLU C 22 13.91 -2.48 36.85
CA GLU C 22 14.28 -3.79 37.34
C GLU C 22 13.52 -4.12 38.61
N VAL C 23 13.14 -5.37 38.79
CA VAL C 23 12.53 -5.77 40.05
C VAL C 23 13.07 -7.09 40.57
N GLN C 24 12.98 -7.30 41.87
CA GLN C 24 13.37 -8.59 42.41
C GLN C 24 12.16 -9.39 42.82
N ARG C 25 12.00 -10.58 42.25
CA ARG C 25 10.84 -11.40 42.58
C ARG C 25 11.12 -12.32 43.72
N ASP C 26 10.07 -12.88 44.27
CA ASP C 26 10.26 -13.66 45.46
C ASP C 26 11.12 -14.89 45.36
N PRO C 27 11.00 -15.67 44.27
CA PRO C 27 11.94 -16.80 44.31
C PRO C 27 13.31 -16.46 43.73
N ASP C 28 14.05 -15.55 44.34
CA ASP C 28 15.37 -15.22 43.86
C ASP C 28 15.27 -14.85 42.40
N THR C 29 14.26 -14.10 42.03
CA THR C 29 14.05 -13.78 40.65
C THR C 29 14.27 -12.32 40.38
N TYR C 30 15.03 -12.04 39.36
CA TYR C 30 15.28 -10.67 38.99
C TYR C 30 14.77 -10.41 37.60
N SER C 31 14.04 -9.31 37.44
CA SER C 31 13.50 -8.98 36.13
C SER C 31 13.84 -7.57 35.68
N LYS C 32 14.18 -7.41 34.41
CA LYS C 32 14.49 -6.12 33.86
C LYS C 32 13.53 -5.89 32.69
N HIS C 33 12.86 -4.74 32.69
CA HIS C 33 12.08 -4.34 31.54
C HIS C 33 12.74 -3.13 30.92
N LEU C 34 12.91 -3.17 29.60
CA LEU C 34 13.52 -2.07 28.86
C LEU C 34 12.42 -1.23 28.22
N PHE C 35 12.27 0.02 28.67
CA PHE C 35 11.35 0.92 27.98
C PHE C 35 11.86 1.27 26.61
N VAL C 36 13.16 1.57 26.50
CA VAL C 36 13.84 1.89 25.26
C VAL C 36 15.25 1.37 25.37
N HIS C 37 15.90 1.14 24.22
CA HIS C 37 17.21 0.54 24.19
C HIS C 37 17.86 0.73 22.83
N ILE C 38 19.08 1.23 22.84
CA ILE C 38 19.95 1.19 21.66
C ILE C 38 21.10 0.26 22.01
N GLY C 39 21.10 -0.93 21.42
CA GLY C 39 22.16 -1.88 21.68
C GLY C 39 23.44 -1.56 20.96
N GLN C 40 24.53 -2.10 21.48
CA GLN C 40 25.82 -1.78 20.93
C GLN C 40 26.12 -2.74 19.78
N THR C 41 26.30 -2.17 18.59
CA THR C 41 26.83 -2.93 17.46
C THR C 41 28.20 -3.51 17.81
N SER C 46 30.44 0.38 12.02
CA SER C 46 29.80 1.67 11.76
C SER C 46 28.72 1.46 10.70
N ASP C 47 27.52 1.90 11.03
CA ASP C 47 26.38 2.00 10.12
C ASP C 47 25.78 3.39 10.25
N PRO C 48 26.53 4.42 9.87
CA PRO C 48 26.02 5.78 9.99
C PRO C 48 24.68 5.91 9.30
N PRO C 49 23.79 6.73 9.84
CA PRO C 49 22.46 6.86 9.27
C PRO C 49 22.49 7.58 7.93
N LEU C 50 21.82 6.98 6.95
CA LEU C 50 21.59 7.60 5.65
C LEU C 50 20.36 8.50 5.65
N GLU C 51 19.63 8.51 6.73
CA GLU C 51 18.34 9.18 6.84
C GLU C 51 18.54 10.53 7.53
N ALA C 52 17.93 11.56 6.96
CA ALA C 52 18.07 12.91 7.49
C ALA C 52 16.71 13.56 7.70
N VAL C 53 16.65 14.39 8.74
CA VAL C 53 15.53 15.24 9.08
C VAL C 53 16.06 16.66 9.22
N ASP C 54 15.32 17.63 8.70
CA ASP C 54 15.68 19.02 8.92
C ASP C 54 15.36 19.45 10.34
N VAL C 55 16.37 20.00 11.02
CA VAL C 55 16.23 20.34 12.43
C VAL C 55 15.05 21.28 12.65
N ARG C 56 14.76 22.14 11.67
CA ARG C 56 13.66 23.10 11.84
C ARG C 56 12.33 22.38 12.04
N GLN C 57 12.23 21.11 11.63
CA GLN C 57 10.98 20.38 11.82
C GLN C 57 10.77 19.94 13.26
N ILE C 58 11.79 20.04 14.12
CA ILE C 58 11.57 19.61 15.50
C ILE C 58 11.79 20.72 16.52
N TYR C 59 11.91 21.97 16.09
CA TYR C 59 12.06 23.06 17.05
C TYR C 59 10.87 23.13 18.00
N ASP C 60 9.68 22.84 17.55
CA ASP C 60 8.55 23.00 18.42
C ASP C 60 8.51 22.01 19.56
N LYS C 61 9.17 20.88 19.40
CA LYS C 61 9.14 19.82 20.39
C LYS C 61 10.24 19.92 21.39
N PHE C 62 11.10 20.88 21.21
CA PHE C 62 12.26 21.00 22.08
C PHE C 62 12.33 22.45 22.53
N PRO C 63 13.04 22.71 23.63
CA PRO C 63 12.94 24.10 24.09
C PRO C 63 13.45 25.19 23.17
N GLU C 64 12.58 26.13 22.84
CA GLU C 64 12.94 27.12 21.84
C GLU C 64 13.34 28.33 22.55
N LYS C 65 14.53 28.34 23.03
CA LYS C 65 14.95 29.39 23.86
C LYS C 65 16.44 29.47 23.81
N LYS C 66 17.01 30.47 24.42
CA LYS C 66 18.43 30.48 24.49
C LYS C 66 18.73 29.22 25.24
N GLY C 67 19.77 28.49 24.85
CA GLY C 67 20.06 27.17 25.41
C GLY C 67 19.27 26.18 24.60
N GLY C 68 18.57 26.66 23.59
CA GLY C 68 17.81 25.83 22.68
C GLY C 68 18.51 25.06 21.60
N LEU C 69 17.83 24.10 21.01
CA LEU C 69 18.41 23.30 19.94
C LEU C 69 18.77 24.13 18.76
N LYS C 70 17.92 25.07 18.41
CA LYS C 70 18.23 25.97 17.33
C LYS C 70 19.49 26.74 17.59
N GLU C 71 19.61 27.29 18.78
CA GLU C 71 20.84 27.97 19.15
C GLU C 71 22.01 26.99 19.21
N LEU C 72 21.78 25.81 19.81
CA LEU C 72 22.85 24.82 19.86
C LEU C 72 23.29 24.40 18.48
N TYR C 73 22.31 24.02 17.63
CA TYR C 73 22.65 23.59 16.27
C TYR C 73 23.44 24.69 15.56
N GLU C 74 22.98 25.93 15.63
CA GLU C 74 23.73 27.04 15.04
C GLU C 74 25.14 27.13 15.60
N LYS C 75 25.34 26.78 16.87
CA LYS C 75 26.69 26.80 17.38
C LYS C 75 27.53 25.68 16.77
N GLY C 76 26.92 24.51 16.57
CA GLY C 76 27.58 23.40 15.91
C GLY C 76 28.48 22.64 16.85
N PRO C 77 29.18 21.65 16.34
CA PRO C 77 29.26 21.22 14.94
C PRO C 77 28.07 20.39 14.53
N PRO C 78 27.58 20.64 13.30
CA PRO C 78 26.35 19.98 12.84
C PRO C 78 26.44 18.47 12.74
N ASN C 79 27.65 17.93 12.58
CA ASN C 79 27.78 16.48 12.50
C ASN C 79 27.63 15.84 13.87
N ALA C 80 27.23 16.62 14.87
CA ALA C 80 27.10 16.08 16.22
C ALA C 80 25.64 15.85 16.58
N PHE C 81 24.72 16.31 15.73
CA PHE C 81 23.31 16.33 16.07
C PHE C 81 22.53 15.16 15.46
N PHE C 82 21.80 14.47 16.33
CA PHE C 82 21.07 13.27 15.97
C PHE C 82 19.68 13.33 16.56
N LEU C 83 18.76 12.70 15.86
CA LEU C 83 17.39 12.56 16.29
C LEU C 83 17.10 11.07 16.40
N VAL C 84 16.54 10.65 17.52
CA VAL C 84 16.12 9.27 17.72
C VAL C 84 14.63 9.26 17.97
N LYS C 85 13.89 8.45 17.21
CA LYS C 85 12.49 8.22 17.49
C LYS C 85 12.30 6.84 18.10
N PHE C 86 11.79 6.79 19.32
CA PHE C 86 11.51 5.53 20.01
C PHE C 86 10.02 5.20 19.93
N TRP C 87 9.71 3.92 19.64
CA TRP C 87 8.41 3.34 19.98
C TRP C 87 8.67 2.62 21.29
N ALA C 88 8.36 3.26 22.40
CA ALA C 88 8.72 2.69 23.68
C ALA C 88 7.86 1.48 24.03
N ASP C 89 8.46 0.52 24.75
CA ASP C 89 7.76 -0.62 25.32
C ASP C 89 7.19 -0.18 26.67
N LEU C 90 5.87 -0.06 26.75
CA LEU C 90 5.19 0.31 27.99
C LEU C 90 4.39 -0.85 28.58
N ASN C 91 4.59 -2.04 28.04
CA ASN C 91 3.90 -3.25 28.49
C ASN C 91 4.80 -3.94 29.52
N SER C 92 4.71 -3.51 30.78
CA SER C 92 5.65 -3.96 31.80
C SER C 92 5.80 -5.48 31.79
N GLY C 97 5.42 -3.94 42.19
CA GLY C 97 5.77 -4.48 43.48
C GLY C 97 6.82 -3.65 44.18
N PRO C 98 6.98 -3.89 45.47
CA PRO C 98 8.08 -3.27 46.20
C PRO C 98 9.41 -3.77 45.66
N GLY C 99 10.39 -2.86 45.66
CA GLY C 99 11.77 -3.17 45.31
C GLY C 99 12.21 -2.75 43.94
N ALA C 100 11.34 -2.08 43.19
CA ALA C 100 11.67 -1.73 41.82
C ALA C 100 12.64 -0.55 41.75
N PHE C 101 13.52 -0.57 40.75
CA PHE C 101 14.43 0.53 40.48
C PHE C 101 14.30 0.95 39.02
N TYR C 102 14.28 2.25 38.79
CA TYR C 102 14.11 2.87 37.48
C TYR C 102 15.41 3.56 37.09
N GLY C 103 16.01 3.11 36.00
CA GLY C 103 17.36 3.54 35.68
C GLY C 103 17.55 3.84 34.21
N VAL C 104 18.58 4.63 33.98
CA VAL C 104 19.09 4.93 32.65
C VAL C 104 20.58 4.66 32.67
N SER C 105 21.08 4.03 31.61
CA SER C 105 22.50 3.79 31.39
C SER C 105 22.85 4.16 29.95
N SER C 106 24.05 4.71 29.76
CA SER C 106 24.54 5.09 28.45
C SER C 106 26.06 4.94 28.43
N GLN C 107 26.62 4.70 27.25
CA GLN C 107 28.05 4.54 27.12
C GLN C 107 28.52 5.20 25.83
N TYR C 108 29.74 5.73 25.88
CA TYR C 108 30.31 6.51 24.80
C TYR C 108 31.78 6.12 24.63
N SER C 109 32.29 6.30 23.43
CA SER C 109 33.69 6.03 23.15
C SER C 109 34.26 7.15 22.30
N SER C 110 35.57 7.36 22.43
CA SER C 110 36.31 8.32 21.64
C SER C 110 37.77 7.94 21.59
N ALA C 111 38.53 8.48 20.66
CA ALA C 111 39.96 8.28 20.66
C ALA C 111 40.56 9.15 21.71
N ASP C 112 40.00 10.32 21.91
CA ASP C 112 40.45 11.24 22.96
C ASP C 112 40.06 10.93 24.40
N SER C 113 40.81 11.42 25.36
CA SER C 113 40.58 11.17 26.80
C SER C 113 39.86 12.29 27.56
N MET C 114 39.29 13.25 26.88
CA MET C 114 38.69 14.40 27.54
C MET C 114 37.57 14.14 28.49
N THR C 115 37.54 14.88 29.58
CA THR C 115 36.46 14.78 30.51
C THR C 115 35.21 15.32 29.84
N ILE C 116 34.08 14.71 30.11
CA ILE C 116 32.86 15.07 29.42
C ILE C 116 31.74 15.43 30.36
N SER C 117 30.89 16.32 29.92
CA SER C 117 29.74 16.69 30.71
C SER C 117 28.48 16.31 29.96
N VAL C 118 27.64 15.51 30.60
CA VAL C 118 26.42 15.07 29.96
C VAL C 118 25.20 15.72 30.57
N SER C 119 24.46 16.42 29.75
CA SER C 119 23.26 17.05 30.21
C SER C 119 22.06 16.36 29.61
N THR C 120 21.17 15.97 30.48
CA THR C 120 19.98 15.34 30.03
C THR C 120 18.85 16.24 30.47
N LYS C 121 18.02 16.60 29.52
CA LYS C 121 16.91 17.44 29.82
C LYS C 121 15.60 16.72 29.51
N VAL C 122 14.70 16.72 30.47
CA VAL C 122 13.43 16.09 30.28
C VAL C 122 12.44 17.19 30.02
N CYS C 123 11.77 17.09 28.91
CA CYS C 123 10.90 18.13 28.48
C CYS C 123 9.47 17.72 28.23
N SER C 124 8.53 18.52 28.72
CA SER C 124 7.12 18.26 28.48
C SER C 124 6.53 19.35 27.63
N PHE C 125 5.89 18.99 26.55
CA PHE C 125 5.20 19.97 25.69
C PHE C 125 6.15 21.04 25.15
N GLY C 126 7.39 20.65 24.84
CA GLY C 126 8.43 21.55 24.36
C GLY C 126 9.14 22.39 25.41
N LYS C 127 8.99 22.03 26.70
CA LYS C 127 9.47 22.81 27.83
C LYS C 127 10.17 21.90 28.85
N GLN C 128 11.23 22.41 29.48
CA GLN C 128 12.11 21.60 30.32
C GLN C 128 11.51 21.46 31.71
N VAL C 129 11.09 20.25 32.06
CA VAL C 129 10.71 20.00 33.45
C VAL C 129 11.93 19.90 34.33
N VAL C 130 12.89 19.06 33.95
CA VAL C 130 14.02 18.76 34.82
C VAL C 130 15.28 18.54 33.99
N GLU C 131 16.42 18.83 34.60
CA GLU C 131 17.72 18.61 33.98
C GLU C 131 18.65 18.01 35.02
N LYS C 132 19.57 17.19 34.53
CA LYS C 132 20.60 16.52 35.29
C LYS C 132 21.91 16.70 34.54
N VAL C 133 22.97 17.04 35.27
CA VAL C 133 24.30 17.18 34.69
C VAL C 133 25.23 16.21 35.39
N GLU C 134 25.81 15.30 34.61
CA GLU C 134 26.72 14.27 35.07
C GLU C 134 28.08 14.49 34.40
N THR C 135 29.15 14.31 35.17
CA THR C 135 30.53 14.41 34.70
C THR C 135 31.12 13.00 34.63
N GLU C 136 31.70 12.63 33.49
CA GLU C 136 32.33 11.33 33.38
C GLU C 136 33.78 11.45 32.92
N TYR C 137 34.65 10.62 33.49
CA TYR C 137 36.05 10.62 33.16
C TYR C 137 36.33 9.44 32.25
N ALA C 138 37.28 9.61 31.33
CA ALA C 138 37.61 8.53 30.42
C ALA C 138 38.25 7.34 31.15
N ARG C 139 38.00 6.14 30.64
CA ARG C 139 38.75 4.94 30.99
C ARG C 139 39.26 4.33 29.69
N LEU C 140 40.57 4.09 29.62
CA LEU C 140 41.08 3.40 28.45
C LEU C 140 40.67 1.94 28.56
N GLU C 141 39.98 1.46 27.53
CA GLU C 141 39.46 0.11 27.49
C GLU C 141 39.55 -0.40 26.06
N ASN C 142 40.37 -1.41 25.83
CA ASN C 142 40.54 -2.02 24.49
C ASN C 142 40.94 -1.06 23.36
N GLY C 143 41.86 -0.16 23.61
CA GLY C 143 42.35 0.76 22.59
C GLY C 143 41.54 1.99 22.38
N ARG C 144 40.54 2.15 23.21
CA ARG C 144 39.66 3.27 23.08
C ARG C 144 39.32 3.83 24.44
N PHE C 145 38.90 5.07 24.47
CA PHE C 145 38.50 5.66 25.70
C PHE C 145 37.00 5.54 25.85
N VAL C 146 36.58 5.05 26.99
CA VAL C 146 35.17 4.77 27.22
C VAL C 146 34.58 5.53 28.39
N TYR C 147 33.39 6.08 28.18
CA TYR C 147 32.69 6.78 29.21
C TYR C 147 31.40 6.04 29.52
N ARG C 148 31.08 5.87 30.80
CA ARG C 148 29.89 5.12 31.20
C ARG C 148 29.06 5.92 32.19
N ILE C 149 27.77 6.08 31.88
CA ILE C 149 26.79 6.46 32.89
C ILE C 149 26.04 5.19 33.24
N HIS C 150 26.18 4.75 34.49
CA HIS C 150 25.71 3.44 34.94
C HIS C 150 24.59 3.61 35.96
N ARG C 151 23.38 3.16 35.59
CA ARG C 151 22.24 3.05 36.52
C ARG C 151 21.93 4.36 37.21
N SER C 152 21.90 5.41 36.41
CA SER C 152 21.51 6.72 36.90
C SER C 152 20.02 6.68 37.22
N PRO C 153 19.63 6.99 38.45
CA PRO C 153 18.21 6.88 38.83
C PRO C 153 17.33 7.82 38.03
N MET C 154 16.27 7.26 37.46
CA MET C 154 15.27 8.05 36.76
C MET C 154 14.72 9.15 37.69
N CYS C 155 14.38 10.30 37.13
CA CYS C 155 13.75 11.34 37.98
C CYS C 155 12.32 10.93 38.35
N GLU C 156 11.86 11.40 39.50
CA GLU C 156 10.56 10.98 40.02
C GLU C 156 9.44 11.40 39.09
N TYR C 157 9.61 12.52 38.40
CA TYR C 157 8.65 12.94 37.38
C TYR C 157 8.44 11.83 36.34
N MET C 158 9.53 11.20 35.89
CA MET C 158 9.43 10.15 34.87
C MET C 158 8.69 8.90 35.38
N ILE C 159 9.00 8.46 36.60
CA ILE C 159 8.29 7.30 37.14
C ILE C 159 6.80 7.52 37.19
N ASN C 160 6.38 8.71 37.67
CA ASN C 160 5.01 9.18 37.52
C ASN C 160 4.53 9.14 36.10
N PHE C 161 5.18 9.90 35.25
CA PHE C 161 4.78 10.01 33.87
C PHE C 161 4.53 8.62 33.30
N ILE C 162 5.46 7.69 33.58
CA ILE C 162 5.31 6.33 33.09
C ILE C 162 4.02 5.69 33.62
N HIS C 163 3.67 5.95 34.88
CA HIS C 163 2.49 5.26 35.41
C HIS C 163 1.20 5.96 35.00
N LYS C 164 1.22 7.25 34.75
CA LYS C 164 0.04 7.89 34.19
C LYS C 164 -0.24 7.36 32.79
N LEU C 165 0.80 7.15 31.98
CA LEU C 165 0.61 6.49 30.70
C LEU C 165 -0.07 5.13 30.85
N LYS C 166 0.38 4.32 31.82
CA LYS C 166 -0.15 2.96 31.92
C LYS C 166 -1.57 2.96 32.48
N HIS C 167 -1.90 3.91 33.35
CA HIS C 167 -3.27 3.99 33.83
C HIS C 167 -4.22 4.42 32.72
N LEU C 168 -3.71 4.83 31.56
CA LEU C 168 -4.63 5.26 30.50
C LEU C 168 -5.35 4.06 29.89
N PRO C 169 -6.61 4.24 29.47
CA PRO C 169 -7.37 3.13 28.84
C PRO C 169 -6.76 2.53 27.58
N GLU C 170 -6.15 3.32 26.69
CA GLU C 170 -5.75 2.78 25.40
C GLU C 170 -4.44 3.39 24.94
N LYS C 171 -3.81 2.70 23.98
CA LYS C 171 -2.49 3.11 23.51
C LYS C 171 -2.55 4.41 22.73
N TYR C 172 -3.63 4.62 21.95
CA TYR C 172 -3.70 5.83 21.18
C TYR C 172 -3.70 7.04 22.11
N MET C 173 -4.24 6.88 23.33
CA MET C 173 -4.17 7.98 24.28
C MET C 173 -2.75 8.18 24.78
N MET C 174 -1.99 7.09 24.90
CA MET C 174 -0.60 7.23 25.31
C MET C 174 0.18 8.03 24.26
N ASN C 175 -0.11 7.80 22.98
CA ASN C 175 0.57 8.58 21.94
C ASN C 175 0.25 10.05 22.05
N SER C 176 -1.01 10.41 22.31
CA SER C 176 -1.36 11.81 22.53
C SER C 176 -0.55 12.43 23.65
N VAL C 177 -0.32 11.67 24.72
CA VAL C 177 0.54 12.21 25.76
C VAL C 177 2.00 12.28 25.28
N LEU C 178 2.50 11.19 24.66
CA LEU C 178 3.92 11.11 24.36
C LEU C 178 4.37 12.13 23.31
N GLU C 179 3.48 12.54 22.40
CA GLU C 179 3.83 13.61 21.48
C GLU C 179 4.37 14.82 22.20
N ASN C 180 4.02 14.98 23.48
CA ASN C 180 4.42 16.16 24.22
C ASN C 180 5.69 15.91 25.00
N PHE C 181 6.14 14.66 25.05
CA PHE C 181 7.27 14.30 25.88
C PHE C 181 8.51 14.13 25.00
N THR C 182 9.59 14.81 25.40
CA THR C 182 10.84 14.72 24.67
C THR C 182 12.01 14.71 25.64
N ILE C 183 13.13 14.23 25.14
CA ILE C 183 14.37 14.26 25.88
C ILE C 183 15.45 14.83 24.96
N LEU C 184 16.26 15.69 25.52
CA LEU C 184 17.38 16.26 24.81
C LEU C 184 18.62 15.99 25.64
N GLN C 185 19.59 15.31 25.05
CA GLN C 185 20.86 15.02 25.69
C GLN C 185 21.99 15.73 24.97
N VAL C 186 22.68 16.61 25.70
CA VAL C 186 23.84 17.33 25.18
C VAL C 186 25.09 16.92 25.96
N VAL C 187 26.08 16.40 25.24
CA VAL C 187 27.39 16.04 25.77
C VAL C 187 28.41 17.06 25.29
N THR C 188 29.12 17.67 26.23
CA THR C 188 30.17 18.65 25.95
C THR C 188 31.47 18.24 26.62
N SER C 189 32.58 18.60 25.98
CA SER C 189 33.87 18.52 26.66
C SER C 189 33.85 19.51 27.80
N ARG C 190 34.16 19.04 29.02
CA ARG C 190 33.91 19.88 30.19
C ARG C 190 34.82 21.10 30.20
N ASP C 191 36.06 20.96 29.76
CA ASP C 191 36.92 22.14 29.67
C ASP C 191 36.55 22.98 28.45
N SER C 192 36.66 22.41 27.25
CA SER C 192 36.38 23.17 26.03
C SER C 192 35.00 23.83 26.08
N GLN C 193 33.99 23.12 26.59
CA GLN C 193 32.57 23.46 26.50
C GLN C 193 32.10 23.23 25.07
N GLU C 194 32.95 22.61 24.25
CA GLU C 194 32.58 22.23 22.90
C GLU C 194 31.55 21.10 22.91
N THR C 195 30.61 21.20 21.97
CA THR C 195 29.53 20.23 21.84
C THR C 195 30.08 18.96 21.18
N LEU C 196 29.95 17.83 21.86
CA LEU C 196 30.47 16.58 21.32
C LEU C 196 29.40 15.74 20.63
N LEU C 197 28.19 15.74 21.16
CA LEU C 197 27.14 14.84 20.71
C LEU C 197 25.84 15.37 21.30
N VAL C 198 24.80 15.39 20.46
CA VAL C 198 23.47 15.82 20.85
C VAL C 198 22.47 14.83 20.28
N ILE C 199 21.63 14.28 21.15
CA ILE C 199 20.57 13.37 20.75
C ILE C 199 19.25 13.95 21.22
N ALA C 200 18.42 14.39 20.28
CA ALA C 200 17.03 14.74 20.50
C ALA C 200 16.18 13.48 20.39
N PHE C 201 15.38 13.21 21.44
CA PHE C 201 14.50 12.04 21.51
C PHE C 201 13.04 12.45 21.38
N VAL C 202 12.33 11.80 20.47
CA VAL C 202 10.87 11.88 20.34
C VAL C 202 10.30 10.48 20.54
N PHE C 203 9.04 10.41 20.97
CA PHE C 203 8.47 9.17 21.48
C PHE C 203 7.06 8.92 20.96
N GLU C 204 6.84 7.66 20.59
CA GLU C 204 5.53 7.04 20.46
C GLU C 204 5.57 5.74 21.26
N VAL C 205 4.41 5.11 21.41
CA VAL C 205 4.32 3.82 22.10
C VAL C 205 4.34 2.68 21.08
N SER C 206 5.07 1.63 21.40
CA SER C 206 5.10 0.48 20.50
C SER C 206 3.72 -0.15 20.43
N THR C 207 3.22 -0.38 19.24
CA THR C 207 1.90 -0.96 19.08
C THR C 207 1.98 -2.39 19.46
N SER C 208 3.16 -2.95 19.36
CA SER C 208 3.31 -4.34 19.61
C SER C 208 3.13 -4.70 21.04
N GLY C 211 8.10 -5.56 22.50
CA GLY C 211 9.14 -4.82 21.85
C GLY C 211 9.17 -3.36 21.56
N ALA C 212 10.37 -2.84 21.42
CA ALA C 212 10.55 -1.44 21.15
C ALA C 212 11.30 -1.29 19.87
N GLN C 213 10.99 -0.24 19.14
CA GLN C 213 11.63 -0.01 17.87
C GLN C 213 12.15 1.40 17.83
N HIS C 214 13.23 1.61 17.09
CA HIS C 214 13.78 2.95 16.96
C HIS C 214 14.25 3.36 15.59
N HIS C 215 14.22 4.64 15.34
CA HIS C 215 14.71 5.21 14.10
C HIS C 215 15.83 6.17 14.42
N VAL C 216 16.88 6.16 13.63
CA VAL C 216 17.98 7.09 13.82
C VAL C 216 18.13 8.00 12.61
N TYR C 217 18.23 9.28 12.87
CA TYR C 217 18.38 10.24 11.80
C TYR C 217 19.42 11.26 12.05
N LYS C 218 19.97 11.79 10.96
CA LYS C 218 20.88 12.89 11.07
C LYS C 218 20.05 14.15 11.02
N LEU C 219 20.38 15.11 11.86
CA LEU C 219 19.70 16.40 11.83
C LEU C 219 20.48 17.33 10.91
N VAL C 220 19.80 17.86 9.90
CA VAL C 220 20.41 18.72 8.90
C VAL C 220 19.68 20.05 8.91
N LYS C 221 20.23 21.00 8.17
CA LYS C 221 19.64 22.33 7.97
C LYS C 221 20.01 22.68 6.55
N ASP C 222 19.30 22.09 5.61
CA ASP C 222 19.65 22.25 4.21
C ASP C 222 18.69 23.21 3.49
C10 A1L3M D . -23.78 0.96 -13.29
C10 A1L3M D . -24.35 0.81 -13.33
C12 A1L3M D . -24.39 3.28 -13.01
C12 A1L3M D . -25.09 3.09 -13.49
C17 A1L3M D . -24.82 -4.04 -13.98
C17 A1L3M D . -25.05 -4.65 -14.40
C02 A1L3M D . -24.64 -1.97 -12.61
C02 A1L3M D . -24.32 -2.52 -13.50
C04 A1L3M D . -22.87 -0.24 -12.99
C04 A1L3M D . -23.49 -0.23 -12.59
C05 A1L3M D . -21.56 -0.16 -13.75
C05 A1L3M D . -22.08 -0.40 -13.15
C06 A1L3M D . -21.76 -0.29 -15.27
C06 A1L3M D . -21.85 -0.02 -14.62
C07 A1L3M D . -21.41 -1.65 -15.86
C07 A1L3M D . -21.40 -1.20 -15.48
C11 A1L3M D . -23.54 2.21 -12.72
C11 A1L3M D . -24.33 2.11 -12.87
C13 A1L3M D . -25.45 3.09 -13.88
C13 A1L3M D . -25.88 2.75 -14.57
C14 A1L3M D . -25.69 1.84 -14.45
C14 A1L3M D . -25.92 1.45 -15.03
C15 A1L3M D . -24.85 0.79 -14.16
C15 A1L3M D . -25.16 0.48 -14.40
C18 A1L3M D . -25.46 -5.41 -14.03
C18 A1L3M D . -25.66 -6.02 -14.25
C19 A1L3M D . -25.25 -6.17 -15.20
C19 A1L3M D . -25.50 -6.93 -15.32
C20 A1L3M D . -25.80 -7.43 -15.32
C20 A1L3M D . -26.02 -8.21 -15.25
C21 A1L3M D . -26.55 -7.96 -14.26
C21 A1L3M D . -26.72 -8.57 -14.10
C22 A1L3M D . -26.75 -7.22 -13.12
C22 A1L3M D . -26.88 -7.69 -13.05
C23 A1L3M D . -27.60 -7.83 -12.01
C23 A1L3M D . -27.67 -8.21 -11.84
C24 A1L3M D . -27.08 -8.24 -10.79
C24 A1L3M D . -27.05 -8.39 -10.62
C25 A1L3M D . -27.95 -8.81 -9.87
C25 A1L3M D . -27.78 -8.87 -9.55
C26 A1L3M D . -29.31 -8.99 -10.16
C26 A1L3M D . -29.12 -9.18 -9.70
C27 A1L3M D . -30.30 -9.62 -9.17
C27 A1L3M D . -29.92 -9.71 -8.51
C31 A1L3M D . -29.79 -8.58 -11.38
C31 A1L3M D . -29.74 -9.01 -10.93
C32 A1L3M D . -28.94 -8.00 -12.29
C32 A1L3M D . -29.01 -8.53 -11.99
C33 A1L3M D . -26.19 -5.94 -13.01
C33 A1L3M D . -26.35 -6.39 -13.12
C34 A1L3M D . -26.44 -5.13 -11.71
C34 A1L3M D . -26.51 -5.37 -11.95
C35 A1L3M D . -26.43 -3.66 -12.14
C35 A1L3M D . -25.47 -4.21 -11.96
F28 A1L3M D . -31.07 -10.53 -9.81
F28 A1L3M D . -30.30 -11.00 -8.79
F29 A1L3M D . -29.67 -10.24 -8.13
F29 A1L3M D . -29.12 -9.70 -7.40
F30 A1L3M D . -31.13 -8.65 -8.70
F30 A1L3M D . -31.02 -8.95 -8.32
N03 A1L3M D . -23.52 -1.51 -13.37
N03 A1L3M D . -24.14 -1.54 -12.44
N08 A1L3M D . -20.19 -1.81 -16.60
N08 A1L3M D . -20.39 -2.13 -15.02
N16 A1L3M D . -25.29 -3.22 -12.92
N16 A1L3M D . -24.96 -3.79 -13.26
O01 A1L3M D . -25.04 -1.31 -11.72
O01 A1L3M D . -23.94 -2.31 -14.60
O09 A1L3M D . -22.15 -2.58 -15.76
O09 A1L3M D . -21.88 -1.37 -16.56
C10 A1L3M E . 7.23 -8.52 -12.92
C10 A1L3M E . 7.74 -8.44 -12.47
C12 A1L3M E . 8.36 -9.50 -14.78
C12 A1L3M E . 8.97 -8.93 -14.48
C17 A1L3M E . 7.29 -6.81 -8.15
C17 A1L3M E . 7.27 -6.33 -7.26
C02 A1L3M E . 7.22 -8.63 -9.85
C02 A1L3M E . 6.90 -7.54 -9.32
C04 A1L3M E . 6.01 -8.36 -12.00
C04 A1L3M E . 6.48 -8.71 -11.61
C05 A1L3M E . 4.95 -7.46 -12.61
C05 A1L3M E . 5.30 -7.79 -11.97
C06 A1L3M E . 5.50 -6.04 -12.81
C06 A1L3M E . 5.65 -6.41 -12.54
C07 A1L3M E . 4.96 -5.09 -11.74
C07 A1L3M E . 4.89 -5.26 -11.87
C11 A1L3M E . 7.20 -9.39 -14.00
C11 A1L3M E . 7.85 -9.11 -13.68
C13 A1L3M E . 9.52 -8.77 -14.50
C13 A1L3M E . 9.97 -8.06 -14.07
C14 A1L3M E . 9.53 -7.91 -13.42
C14 A1L3M E . 9.86 -7.40 -12.86
C15 A1L3M E . 8.39 -7.80 -12.65
C15 A1L3M E . 8.75 -7.59 -12.05
C18 A1L3M E . 7.29 -6.52 -6.66
C18 A1L3M E . 7.26 -6.26 -5.75
C19 A1L3M E . 6.98 -5.21 -6.24
C19 A1L3M E . 6.93 -5.05 -5.12
C20 A1L3M E . 6.97 -4.89 -4.88
C20 A1L3M E . 6.94 -4.96 -3.74
C21 A1L3M E . 7.27 -5.86 -3.94
C21 A1L3M E . 7.29 -6.08 -2.98
C22 A1L3M E . 7.59 -7.15 -4.35
C22 A1L3M E . 7.61 -7.27 -3.60
C23 A1L3M E . 7.92 -8.17 -3.27
C23 A1L3M E . 8.00 -8.46 -2.73
C24 A1L3M E . 7.12 -9.28 -3.06
C24 A1L3M E . 7.16 -9.55 -2.55
C25 A1L3M E . 7.45 -10.17 -2.06
C25 A1L3M E . 7.56 -10.59 -1.73
C26 A1L3M E . 8.56 -9.93 -1.26
C26 A1L3M E . 8.80 -10.54 -1.10
C27 A1L3M E . 8.96 -10.89 -0.16
C27 A1L3M E . 9.25 -11.69 -0.20
C31 A1L3M E . 9.35 -8.82 -1.46
C31 A1L3M E . 9.63 -9.45 -1.27
C32 A1L3M E . 9.03 -7.93 -2.46
C32 A1L3M E . 9.23 -8.41 -2.08
C33 A1L3M E . 7.60 -7.47 -5.72
C33 A1L3M E . 7.61 -7.36 -5.01
C34 A1L3M E . 7.97 -8.91 -6.18
C34 A1L3M E . 7.99 -8.69 -5.75
C35 A1L3M E . 8.47 -8.92 -7.65
C35 A1L3M E . 7.22 -8.84 -7.11
F28 A1L3M E . 9.80 -10.30 0.72
F28 A1L3M E . 9.79 -11.17 0.93
F29 A1L3M E . 7.85 -11.37 0.47
F29 A1L3M E . 8.16 -12.46 0.08
F30 A1L3M E . 9.66 -11.88 -0.77
F30 A1L3M E . 10.18 -12.42 -0.87
N03 A1L3M E . 6.43 -7.80 -10.71
N03 A1L3M E . 6.74 -8.72 -10.16
N08 A1L3M E . 4.01 -4.06 -12.15
N08 A1L3M E . 3.54 -4.93 -12.31
N16 A1L3M E . 7.67 -8.13 -8.57
N16 A1L3M E . 7.13 -7.61 -7.89
O01 A1L3M E . 7.51 -9.72 -10.25
O01 A1L3M E . 6.87 -6.45 -9.77
O09 A1L3M E . 5.33 -5.18 -10.61
O09 A1L3M E . 5.39 -4.62 -11.00
C10 A1L3M F . 17.36 12.20 35.16
C10 A1L3M F . 17.02 12.17 34.71
C12 A1L3M F . 17.17 14.09 36.60
C12 A1L3M F . 17.03 14.21 35.99
C17 A1L3M F . 16.07 9.76 30.95
C17 A1L3M F . 15.98 9.24 30.02
C02 A1L3M F . 15.73 10.29 33.40
C02 A1L3M F . 16.43 9.90 32.30
C04 A1L3M F . 17.65 10.71 34.93
C04 A1L3M F . 17.03 10.64 34.73
C05 A1L3M F . 19.14 10.43 35.06
C05 A1L3M F . 18.45 10.02 34.68
C06 A1L3M F . 20.03 11.16 34.03
C06 A1L3M F . 19.55 10.79 33.95
C07 A1L3M F . 20.31 10.38 32.74
C07 A1L3M F . 20.36 9.93 32.96
C11 A1L3M F . 17.45 12.73 36.43
C11 A1L3M F . 17.05 12.84 35.93
C13 A1L3M F . 16.83 14.90 35.51
C13 A1L3M F . 16.97 14.94 34.82
C14 A1L3M F . 16.76 14.35 34.24
C14 A1L3M F . 16.93 14.29 33.59
C15 A1L3M F . 17.02 13.00 34.08
C15 A1L3M F . 16.94 12.91 33.54
C18 A1L3M F . 15.53 8.99 29.76
C18 A1L3M F . 15.19 8.48 28.99
C19 A1L3M F . 16.36 8.81 28.63
C19 A1L3M F . 15.82 8.23 27.76
C20 A1L3M F . 15.91 8.11 27.52
C20 A1L3M F . 15.13 7.55 26.77
C21 A1L3M F . 14.61 7.58 27.52
C21 A1L3M F . 13.81 7.15 27.01
C22 A1L3M F . 13.80 7.74 28.63
C22 A1L3M F . 13.20 7.40 28.23
C23 A1L3M F . 12.38 7.17 28.60
C23 A1L3M F . 11.75 6.91 28.40
C24 A1L3M F . 11.91 6.21 29.48
C24 A1L3M F . 11.46 5.87 29.25
C25 A1L3M F . 10.60 5.77 29.38
C25 A1L3M F . 10.15 5.44 29.38
C26 A1L3M F . 9.77 6.28 28.40
C26 A1L3M F . 9.15 6.05 28.63
C27 A1L3M F . 8.33 5.78 28.30
C27 A1L3M F . 7.72 5.55 28.78
C31 A1L3M F . 10.22 7.24 27.53
C31 A1L3M F . 9.44 7.08 27.77
C32 A1L3M F . 11.52 7.68 27.63
C32 A1L3M F . 10.75 7.52 27.65
C33 A1L3M F . 14.28 8.46 29.76
C33 A1L3M F . 13.90 8.10 29.23
C34 A1L3M F . 13.34 8.67 31.00
C34 A1L3M F . 13.25 8.42 30.62
C35 A1L3M F . 13.77 9.88 31.85
C35 A1L3M F . 14.29 8.58 31.76
F28 A1L3M F . 7.72 6.05 27.12
F28 A1L3M F . 7.19 5.34 27.54
F29 A1L3M F . 8.37 4.42 28.41
F29 A1L3M F . 7.76 4.38 29.48
F30 A1L3M F . 7.62 6.40 29.28
F30 A1L3M F . 6.99 6.49 29.45
N03 A1L3M F . 17.16 10.40 33.60
N03 A1L3M F . 16.16 9.99 33.73
N08 A1L3M F . 21.62 9.86 32.45
N08 A1L3M F . 21.73 9.57 33.25
N16 A1L3M F . 15.20 9.98 32.07
N16 A1L3M F . 15.54 9.23 31.38
O01 A1L3M F . 15.01 10.48 34.33
O01 A1L3M F . 17.39 10.38 31.84
O09 A1L3M F . 19.43 10.20 31.96
O09 A1L3M F . 19.88 9.57 31.93
#